data_9DVL
#
_entry.id   9DVL
#
_cell.length_a   1.00
_cell.length_b   1.00
_cell.length_c   1.00
_cell.angle_alpha   90.00
_cell.angle_beta   90.00
_cell.angle_gamma   90.00
#
_symmetry.space_group_name_H-M   'P 1'
#
loop_
_entity.id
_entity.type
_entity.pdbx_description
1 polymer 'Solute carrier family 53 member 1'
2 non-polymer 'PHOSPHATE ION'
3 non-polymer CHOLESTEROL
4 non-polymer 1-PALMITOYL-2-LINOLEOYL-SN-GLYCERO-3-PHOSPHOCHOLINE
#
_entity_poly.entity_id   1
_entity_poly.type   'polypeptide(L)'
_entity_poly.pdbx_seq_one_letter_code
;MKFAEHLSAHITPEWRKQYIQYEAFKDMLYSAQDQAPSVEVTDEDTVKRYFAKFEEKFFQTCEKELAKINTFYSEKLAEA
QRRFATLQNELQSSLDAQKESTGVTTLRQRRKPVFHLSHEERVQHRNIKDLKLAFSEFYLSLILLQNYQNLNFTGFRKIL
KKHDKILETSRGADWRVAHVEVAPFYTCKKINQLISETEAVVTNELEDGDRQKAMKRLRVPPLGAAQPAPAWTTFRVGLF
CGIFIVLNITLVLAAVFKLETDRSIWPLIRIYRGGFLLIEFLFLLGINTYGWRQAGVNHVLIFELNPRSNLSHQHLFEIA
GFLGILWCLSLLACFFAPISVIPTYVYPLALYGFMVFFLINPTKTFYYKSRFWLLKLLFRVFTAPFHKVGFADFWLADQL
NSLSVILMDLEYMICFYSLELKWDESKGLLPNNSEESGICHKYTYGVRAIVQCIPAWLRFIQCLRRYRDTKRAFPHLVNA
GKYSTTFFMVTFAALYSTHKERGHSDTMVFFYLWIVFYIISSCYTLIWDLKMDWGLFDKNAGENTFLREEIVYPQKAYYY
CAIIEDVILRFAWTIQISITSTTLLPHSGDIIATVFAPLEVFRRFVWNFFRLENEHLNNCGEFRAVRDISVAPLNADDQT
LLEQMMDQDDGVRNRQKNRSWKYNQSISLRRPRLASQSKARDTKVLIEDTDDEANTLEVLFQ
;
_entity_poly.pdbx_strand_id   A,B
#
loop_
_chem_comp.id
_chem_comp.type
_chem_comp.name
_chem_comp.formula
CLR non-polymer CHOLESTEROL 'C27 H46 O'
CPL non-polymer 1-PALMITOYL-2-LINOLEOYL-SN-GLYCERO-3-PHOSPHOCHOLINE 'C42 H80 N O8 P'
PO4 non-polymer 'PHOSPHATE ION' 'O4 P -3'
#
# COMPACT_ATOMS: atom_id res chain seq x y z
N PRO A 228 12.83 12.14 -12.45
CA PRO A 228 12.24 11.59 -11.22
C PRO A 228 10.72 11.65 -11.21
N ALA A 229 10.08 10.54 -10.88
CA ALA A 229 8.63 10.50 -10.87
C ALA A 229 8.09 11.34 -9.71
N PRO A 230 6.86 11.86 -9.84
CA PRO A 230 6.28 12.62 -8.73
C PRO A 230 6.13 11.79 -7.48
N ALA A 231 6.24 12.45 -6.33
CA ALA A 231 6.09 11.75 -5.06
C ALA A 231 4.71 11.11 -4.93
N TRP A 232 3.68 11.81 -5.41
CA TRP A 232 2.34 11.25 -5.36
C TRP A 232 2.25 9.97 -6.19
N THR A 233 2.95 9.91 -7.32
CA THR A 233 2.97 8.69 -8.12
C THR A 233 3.59 7.54 -7.34
N THR A 234 4.69 7.80 -6.64
CA THR A 234 5.31 6.75 -5.83
C THR A 234 4.39 6.31 -4.71
N PHE A 235 3.70 7.25 -4.07
CA PHE A 235 2.76 6.90 -3.01
C PHE A 235 1.64 6.02 -3.56
N ARG A 236 1.10 6.37 -4.73
CA ARG A 236 0.05 5.56 -5.34
C ARG A 236 0.57 4.18 -5.70
N VAL A 237 1.80 4.10 -6.21
CA VAL A 237 2.38 2.81 -6.54
C VAL A 237 2.47 1.94 -5.29
N GLY A 238 2.95 2.51 -4.19
CA GLY A 238 3.05 1.75 -2.96
C GLY A 238 1.69 1.32 -2.44
N LEU A 239 0.71 2.22 -2.48
CA LEU A 239 -0.63 1.89 -2.01
C LEU A 239 -1.20 0.74 -2.82
N PHE A 240 -1.08 0.80 -4.14
CA PHE A 240 -1.61 -0.26 -4.99
C PHE A 240 -0.88 -1.57 -4.73
N CYS A 241 0.45 -1.52 -4.56
CA CYS A 241 1.20 -2.75 -4.29
C CYS A 241 0.75 -3.38 -2.99
N GLY A 242 0.57 -2.57 -1.94
CA GLY A 242 0.15 -3.12 -0.66
C GLY A 242 -1.25 -3.71 -0.72
N ILE A 243 -2.19 -2.99 -1.34
CA ILE A 243 -3.54 -3.50 -1.46
C ILE A 243 -3.54 -4.79 -2.27
N PHE A 244 -2.74 -4.86 -3.33
CA PHE A 244 -2.64 -6.06 -4.14
C PHE A 244 -2.09 -7.22 -3.33
N ILE A 245 -1.08 -6.97 -2.50
CA ILE A 245 -0.50 -8.04 -1.69
C ILE A 245 -1.53 -8.58 -0.71
N VAL A 246 -2.24 -7.69 -0.02
CA VAL A 246 -3.23 -8.14 0.94
C VAL A 246 -4.37 -8.88 0.24
N LEU A 247 -4.75 -8.41 -0.95
CA LEU A 247 -5.80 -9.09 -1.70
C LEU A 247 -5.34 -10.48 -2.14
N ASN A 248 -4.08 -10.62 -2.54
CA ASN A 248 -3.56 -11.94 -2.87
C ASN A 248 -3.58 -12.86 -1.66
N ILE A 249 -3.19 -12.36 -0.50
CA ILE A 249 -3.24 -13.16 0.71
C ILE A 249 -4.67 -13.60 1.00
N THR A 250 -5.63 -12.68 0.88
CA THR A 250 -7.02 -13.02 1.12
C THR A 250 -7.52 -14.06 0.13
N LEU A 251 -7.13 -13.93 -1.14
CA LEU A 251 -7.53 -14.90 -2.14
C LEU A 251 -6.98 -16.29 -1.82
N VAL A 252 -5.70 -16.34 -1.42
CA VAL A 252 -5.11 -17.63 -1.07
C VAL A 252 -5.83 -18.25 0.11
N LEU A 253 -6.13 -17.43 1.13
CA LEU A 253 -6.83 -17.95 2.30
C LEU A 253 -8.21 -18.47 1.93
N ALA A 254 -8.94 -17.72 1.10
CA ALA A 254 -10.27 -18.15 0.69
C ALA A 254 -10.20 -19.45 -0.11
N ALA A 255 -9.25 -19.55 -1.02
CA ALA A 255 -9.12 -20.77 -1.81
C ALA A 255 -8.79 -21.96 -0.93
N VAL A 256 -7.90 -21.78 0.05
CA VAL A 256 -7.55 -22.89 0.94
C VAL A 256 -8.75 -23.28 1.78
N PHE A 257 -9.49 -22.30 2.31
CA PHE A 257 -10.62 -22.57 3.19
C PHE A 257 -11.91 -22.86 2.44
N LYS A 258 -11.96 -22.64 1.13
CA LYS A 258 -13.16 -22.89 0.34
C LYS A 258 -12.89 -23.92 -0.74
N ILE A 265 -19.40 -23.96 -12.00
CA ILE A 265 -20.30 -23.62 -13.09
C ILE A 265 -19.50 -22.96 -14.21
N TRP A 266 -18.42 -22.27 -13.85
CA TRP A 266 -17.57 -21.59 -14.81
C TRP A 266 -16.12 -21.95 -14.55
N PRO A 267 -15.29 -22.00 -15.60
CA PRO A 267 -13.83 -22.23 -15.40
C PRO A 267 -13.09 -20.94 -15.05
N LEU A 268 -13.11 -20.61 -13.76
CA LEU A 268 -12.50 -19.37 -13.30
C LEU A 268 -11.04 -19.25 -13.71
N ILE A 269 -10.32 -20.39 -13.73
CA ILE A 269 -8.90 -20.35 -14.10
C ILE A 269 -8.74 -19.79 -15.51
N ARG A 270 -9.52 -20.30 -16.46
CA ARG A 270 -9.40 -19.84 -17.84
C ARG A 270 -9.75 -18.37 -17.94
N ILE A 271 -10.80 -17.95 -17.22
CA ILE A 271 -11.27 -16.56 -17.31
C ILE A 271 -10.20 -15.61 -16.79
N TYR A 272 -9.61 -15.92 -15.64
CA TYR A 272 -8.75 -14.99 -14.93
C TYR A 272 -7.28 -15.10 -15.30
N ARG A 273 -6.89 -16.15 -16.03
CA ARG A 273 -5.47 -16.28 -16.42
C ARG A 273 -5.05 -15.14 -17.33
N GLY A 274 -5.91 -14.70 -18.24
CA GLY A 274 -5.55 -13.62 -19.13
C GLY A 274 -5.24 -12.34 -18.38
N GLY A 275 -6.11 -11.98 -17.42
CA GLY A 275 -5.86 -10.80 -16.62
C GLY A 275 -4.60 -10.92 -15.79
N PHE A 276 -4.39 -12.09 -15.16
CA PHE A 276 -3.18 -12.27 -14.37
C PHE A 276 -1.93 -12.11 -15.23
N LEU A 277 -1.94 -12.72 -16.42
CA LEU A 277 -0.79 -12.61 -17.31
C LEU A 277 -0.56 -11.18 -17.77
N LEU A 278 -1.64 -10.45 -18.06
CA LEU A 278 -1.50 -9.05 -18.46
C LEU A 278 -0.87 -8.23 -17.35
N ILE A 279 -1.33 -8.43 -16.10
CA ILE A 279 -0.76 -7.67 -14.98
C ILE A 279 0.70 -8.01 -14.79
N GLU A 280 1.04 -9.31 -14.86
CA GLU A 280 2.43 -9.71 -14.72
C GLU A 280 3.29 -9.10 -15.82
N PHE A 281 2.78 -9.08 -17.05
CA PHE A 281 3.52 -8.49 -18.16
C PHE A 281 3.75 -7.01 -17.93
N LEU A 282 2.74 -6.29 -17.43
CA LEU A 282 2.90 -4.88 -17.17
C LEU A 282 3.96 -4.62 -16.09
N PHE A 283 3.93 -5.42 -15.02
CA PHE A 283 4.94 -5.27 -13.97
C PHE A 283 6.34 -5.52 -14.52
N LEU A 284 6.50 -6.61 -15.29
CA LEU A 284 7.80 -6.92 -15.86
C LEU A 284 8.22 -5.86 -16.86
N LEU A 285 7.27 -5.21 -17.53
CA LEU A 285 7.61 -4.14 -18.46
C LEU A 285 8.12 -2.91 -17.72
N GLY A 286 7.50 -2.60 -16.58
CA GLY A 286 8.04 -1.54 -15.74
C GLY A 286 9.45 -1.86 -15.29
N ILE A 287 9.69 -3.11 -14.90
CA ILE A 287 11.04 -3.52 -14.52
C ILE A 287 12.01 -3.37 -15.69
N ASN A 288 11.55 -3.75 -16.89
CA ASN A 288 12.38 -3.61 -18.08
C ASN A 288 12.75 -2.16 -18.33
N THR A 289 11.78 -1.25 -18.21
CA THR A 289 12.06 0.16 -18.40
C THR A 289 13.06 0.66 -17.37
N TYR A 290 12.89 0.27 -16.12
CA TYR A 290 13.85 0.69 -15.08
C TYR A 290 15.25 0.19 -15.40
N GLY A 291 15.37 -1.08 -15.81
CA GLY A 291 16.67 -1.62 -16.12
C GLY A 291 17.30 -0.98 -17.33
N TRP A 292 16.51 -0.69 -18.36
CA TRP A 292 17.03 -0.01 -19.53
C TRP A 292 17.55 1.38 -19.17
N ARG A 293 16.79 2.11 -18.34
CA ARG A 293 17.24 3.43 -17.92
C ARG A 293 18.53 3.34 -17.11
N GLN A 294 18.62 2.37 -16.19
CA GLN A 294 19.80 2.24 -15.35
C GLN A 294 21.03 1.86 -16.17
N ALA A 295 20.87 0.93 -17.11
CA ALA A 295 22.00 0.39 -17.86
C ALA A 295 22.50 1.33 -18.95
N GLY A 296 21.80 2.43 -19.20
CA GLY A 296 22.16 3.35 -20.25
C GLY A 296 21.61 3.00 -21.61
N VAL A 297 20.87 1.89 -21.74
CA VAL A 297 20.25 1.55 -23.00
C VAL A 297 19.27 2.64 -23.41
N ASN A 298 19.44 3.16 -24.62
CA ASN A 298 18.60 4.25 -25.13
C ASN A 298 17.31 3.69 -25.72
N HIS A 299 16.57 2.96 -24.88
CA HIS A 299 15.35 2.30 -25.35
C HIS A 299 14.37 3.29 -25.95
N VAL A 300 14.41 4.55 -25.51
CA VAL A 300 13.54 5.57 -26.09
C VAL A 300 13.85 5.72 -27.58
N LEU A 301 15.13 5.76 -27.93
CA LEU A 301 15.52 5.86 -29.34
C LEU A 301 15.17 4.59 -30.10
N ILE A 302 15.34 3.43 -29.46
CA ILE A 302 15.04 2.17 -30.14
C ILE A 302 13.55 2.09 -30.48
N PHE A 303 12.69 2.49 -29.55
CA PHE A 303 11.25 2.48 -29.78
C PHE A 303 10.77 3.72 -30.52
N GLU A 304 11.65 4.67 -30.82
CA GLU A 304 11.29 5.89 -31.53
C GLU A 304 10.26 6.71 -30.75
N LEU A 305 10.29 6.60 -29.43
CA LEU A 305 9.39 7.38 -28.59
C LEU A 305 9.88 8.82 -28.48
N ASN A 306 8.95 9.72 -28.19
CA ASN A 306 9.28 11.13 -28.07
C ASN A 306 10.19 11.35 -26.86
N PRO A 307 11.38 11.94 -27.02
CA PRO A 307 12.26 12.12 -25.85
C PRO A 307 11.61 12.94 -24.74
N ARG A 308 10.83 13.96 -25.08
CA ARG A 308 10.27 14.83 -24.06
C ARG A 308 9.32 14.08 -23.13
N SER A 309 8.47 13.23 -23.69
CA SER A 309 7.47 12.48 -22.93
C SER A 309 7.86 11.02 -22.91
N ASN A 310 8.13 10.49 -21.72
CA ASN A 310 8.48 9.09 -21.53
C ASN A 310 7.72 8.55 -20.34
N LEU A 311 7.20 7.33 -20.47
CA LEU A 311 6.51 6.67 -19.37
C LEU A 311 7.53 5.99 -18.47
N SER A 312 7.56 6.39 -17.20
CA SER A 312 8.52 5.84 -16.26
C SER A 312 8.07 4.47 -15.77
N HIS A 313 9.03 3.74 -15.19
CA HIS A 313 8.73 2.42 -14.65
C HIS A 313 7.69 2.49 -13.55
N GLN A 314 7.72 3.57 -12.76
CA GLN A 314 6.78 3.70 -11.65
C GLN A 314 5.34 3.78 -12.16
N HIS A 315 5.13 4.45 -13.28
CA HIS A 315 3.78 4.53 -13.85
C HIS A 315 3.29 3.15 -14.28
N LEU A 316 4.16 2.35 -14.90
CA LEU A 316 3.79 0.99 -15.27
C LEU A 316 3.48 0.16 -14.03
N PHE A 317 4.28 0.31 -12.98
CA PHE A 317 4.00 -0.40 -11.74
C PHE A 317 2.64 0.00 -11.17
N GLU A 318 2.33 1.30 -11.22
CA GLU A 318 1.03 1.76 -10.73
C GLU A 318 -0.11 1.14 -11.52
N ILE A 319 0.01 1.15 -12.85
CA ILE A 319 -1.04 0.58 -13.69
C ILE A 319 -1.21 -0.91 -13.38
N ALA A 320 -0.10 -1.64 -13.29
CA ALA A 320 -0.17 -3.06 -13.02
C ALA A 320 -0.79 -3.34 -11.66
N GLY A 321 -0.42 -2.55 -10.65
CA GLY A 321 -0.98 -2.74 -9.32
C GLY A 321 -2.47 -2.48 -9.27
N PHE A 322 -2.92 -1.40 -9.93
CA PHE A 322 -4.35 -1.11 -9.95
C PHE A 322 -5.13 -2.21 -10.68
N LEU A 323 -4.60 -2.67 -11.82
CA LEU A 323 -5.27 -3.74 -12.55
C LEU A 323 -5.30 -5.03 -11.73
N GLY A 324 -4.22 -5.33 -11.02
CA GLY A 324 -4.21 -6.50 -10.17
C GLY A 324 -5.20 -6.39 -9.02
N ILE A 325 -5.36 -5.19 -8.47
CA ILE A 325 -6.34 -4.98 -7.42
C ILE A 325 -7.74 -5.25 -7.95
N LEU A 326 -8.06 -4.71 -9.12
CA LEU A 326 -9.37 -4.96 -9.71
C LEU A 326 -9.57 -6.46 -9.99
N TRP A 327 -8.53 -7.11 -10.51
CA TRP A 327 -8.61 -8.54 -10.81
C TRP A 327 -8.87 -9.35 -9.54
N CYS A 328 -8.15 -9.04 -8.47
CA CYS A 328 -8.34 -9.74 -7.21
C CYS A 328 -9.73 -9.48 -6.63
N LEU A 329 -10.21 -8.25 -6.72
CA LEU A 329 -11.55 -7.95 -6.23
C LEU A 329 -12.60 -8.75 -6.99
N SER A 330 -12.46 -8.83 -8.33
CA SER A 330 -13.40 -9.61 -9.12
C SER A 330 -13.34 -11.09 -8.74
N LEU A 331 -12.14 -11.63 -8.56
CA LEU A 331 -12.01 -13.04 -8.20
C LEU A 331 -12.62 -13.30 -6.83
N LEU A 332 -12.39 -12.41 -5.86
CA LEU A 332 -12.96 -12.57 -4.54
C LEU A 332 -14.48 -12.51 -4.59
N ALA A 333 -15.02 -11.58 -5.38
CA ALA A 333 -16.47 -11.51 -5.54
C ALA A 333 -17.02 -12.80 -6.14
N CYS A 334 -16.32 -13.36 -7.13
CA CYS A 334 -16.74 -14.64 -7.70
C CYS A 334 -16.73 -15.74 -6.65
N PHE A 335 -15.65 -15.81 -5.86
CA PHE A 335 -15.49 -16.86 -4.83
C PHE A 335 -16.57 -16.75 -3.76
N PHE A 336 -16.88 -15.53 -3.30
CA PHE A 336 -17.82 -15.33 -2.21
C PHE A 336 -19.26 -15.12 -2.66
N ALA A 337 -19.47 -14.67 -3.90
CA ALA A 337 -20.79 -14.33 -4.39
C ALA A 337 -21.49 -13.37 -3.43
N PRO A 338 -20.88 -12.22 -3.15
CA PRO A 338 -21.45 -11.30 -2.15
C PRO A 338 -22.85 -10.83 -2.49
N ILE A 339 -23.17 -10.67 -3.77
CA ILE A 339 -24.47 -10.16 -4.22
C ILE A 339 -25.24 -11.32 -4.83
N SER A 340 -26.37 -11.67 -4.22
CA SER A 340 -27.16 -12.79 -4.72
C SER A 340 -27.85 -12.44 -6.03
N VAL A 341 -28.43 -11.24 -6.13
CA VAL A 341 -29.15 -10.86 -7.34
C VAL A 341 -28.19 -10.81 -8.53
N ILE A 342 -27.00 -10.26 -8.34
CA ILE A 342 -26.05 -10.14 -9.45
C ILE A 342 -25.49 -11.51 -9.77
N PRO A 343 -25.55 -11.97 -11.03
CA PRO A 343 -24.95 -13.27 -11.35
C PRO A 343 -23.43 -13.23 -11.21
N THR A 344 -22.86 -14.41 -10.93
CA THR A 344 -21.41 -14.50 -10.77
C THR A 344 -20.68 -14.14 -12.05
N TYR A 345 -21.17 -14.61 -13.19
CA TYR A 345 -20.42 -14.49 -14.44
C TYR A 345 -20.19 -13.05 -14.86
N VAL A 346 -20.93 -12.10 -14.29
CA VAL A 346 -20.73 -10.70 -14.67
C VAL A 346 -19.49 -10.12 -14.00
N TYR A 347 -19.06 -10.69 -12.87
CA TYR A 347 -17.90 -10.16 -12.17
C TYR A 347 -16.64 -10.17 -13.04
N PRO A 348 -16.27 -11.26 -13.70
CA PRO A 348 -15.08 -11.23 -14.56
C PRO A 348 -15.27 -10.30 -15.75
N LEU A 349 -16.35 -10.52 -16.51
CA LEU A 349 -16.63 -9.73 -17.70
C LEU A 349 -16.38 -8.24 -17.44
N ALA A 350 -17.12 -7.68 -16.50
CA ALA A 350 -17.00 -6.25 -16.21
C ALA A 350 -15.54 -5.87 -15.99
N LEU A 351 -14.83 -6.63 -15.15
CA LEU A 351 -13.42 -6.37 -14.95
C LEU A 351 -12.71 -6.21 -16.28
N TYR A 352 -12.74 -7.26 -17.11
CA TYR A 352 -12.07 -7.18 -18.41
C TYR A 352 -12.62 -6.01 -19.22
N GLY A 353 -13.94 -5.80 -19.17
CA GLY A 353 -14.51 -4.66 -19.87
C GLY A 353 -13.83 -3.37 -19.47
N PHE A 354 -13.67 -3.15 -18.16
CA PHE A 354 -12.98 -1.96 -17.71
C PHE A 354 -11.61 -1.86 -18.36
N MET A 355 -10.85 -2.95 -18.34
CA MET A 355 -9.54 -2.96 -18.97
C MET A 355 -9.64 -2.45 -20.40
N VAL A 356 -10.59 -3.01 -21.17
CA VAL A 356 -10.77 -2.56 -22.54
C VAL A 356 -11.07 -1.06 -22.56
N PHE A 357 -12.03 -0.63 -21.73
CA PHE A 357 -12.36 0.78 -21.68
C PHE A 357 -11.21 1.61 -21.14
N PHE A 358 -10.32 0.98 -20.35
CA PHE A 358 -9.12 1.69 -19.92
C PHE A 358 -8.17 1.91 -21.09
N LEU A 359 -8.09 0.93 -21.99
CA LEU A 359 -7.18 1.04 -23.12
C LEU A 359 -7.72 1.99 -24.19
N ILE A 360 -9.01 1.96 -24.43
CA ILE A 360 -9.62 2.73 -25.51
C ILE A 360 -10.31 4.00 -24.98
N ASN A 361 -9.97 4.42 -23.76
CA ASN A 361 -10.59 5.59 -23.15
C ASN A 361 -10.43 6.81 -24.05
N PRO A 362 -11.50 7.30 -24.67
CA PRO A 362 -11.35 8.48 -25.54
C PRO A 362 -10.83 9.71 -24.82
N THR A 363 -11.18 9.88 -23.55
CA THR A 363 -10.76 11.07 -22.82
C THR A 363 -9.24 11.08 -22.63
N LYS A 364 -8.69 12.29 -22.57
CA LYS A 364 -7.25 12.47 -22.42
C LYS A 364 -6.89 12.38 -20.93
N THR A 365 -6.87 11.15 -20.44
CA THR A 365 -6.56 10.89 -19.03
C THR A 365 -5.89 9.53 -18.91
N PHE A 366 -5.19 9.33 -17.79
CA PHE A 366 -4.52 8.07 -17.50
C PHE A 366 -3.51 7.72 -18.60
N TYR A 367 -2.55 8.62 -18.83
CA TYR A 367 -1.52 8.38 -19.83
C TYR A 367 -2.14 8.17 -21.19
N TYR A 368 -2.97 9.13 -21.62
CA TYR A 368 -3.69 8.97 -22.88
C TYR A 368 -2.76 8.89 -24.07
N LYS A 369 -1.65 9.65 -24.05
CA LYS A 369 -0.74 9.63 -25.18
C LYS A 369 -0.12 8.25 -25.38
N SER A 370 0.37 7.66 -24.29
CA SER A 370 0.95 6.31 -24.39
C SER A 370 -0.10 5.29 -24.79
N ARG A 371 -1.32 5.44 -24.28
CA ARG A 371 -2.39 4.50 -24.64
C ARG A 371 -2.71 4.59 -26.13
N PHE A 372 -2.77 5.80 -26.68
CA PHE A 372 -3.03 5.96 -28.11
C PHE A 372 -1.89 5.41 -28.94
N TRP A 373 -0.64 5.63 -28.50
CA TRP A 373 0.49 5.06 -29.21
C TRP A 373 0.42 3.53 -29.21
N LEU A 374 0.06 2.94 -28.06
CA LEU A 374 -0.09 1.49 -27.98
C LEU A 374 -1.20 1.00 -28.89
N LEU A 375 -2.33 1.73 -28.94
CA LEU A 375 -3.43 1.33 -29.82
C LEU A 375 -2.99 1.35 -31.27
N LYS A 376 -2.30 2.41 -31.69
CA LYS A 376 -1.82 2.48 -33.06
C LYS A 376 -0.84 1.36 -33.36
N LEU A 377 0.07 1.08 -32.43
CA LEU A 377 1.04 0.01 -32.63
C LEU A 377 0.34 -1.34 -32.76
N LEU A 378 -0.66 -1.60 -31.92
CA LEU A 378 -1.41 -2.85 -32.01
C LEU A 378 -2.12 -2.96 -33.35
N PHE A 379 -2.76 -1.87 -33.79
CA PHE A 379 -3.47 -1.89 -35.07
C PHE A 379 -2.50 -2.17 -36.22
N ARG A 380 -1.33 -1.53 -36.20
CA ARG A 380 -0.34 -1.79 -37.24
C ARG A 380 0.18 -3.22 -37.20
N VAL A 381 0.42 -3.74 -35.99
CA VAL A 381 0.95 -5.10 -35.86
C VAL A 381 -0.05 -6.11 -36.39
N PHE A 382 -1.32 -5.97 -36.03
CA PHE A 382 -2.33 -6.90 -36.52
C PHE A 382 -2.46 -6.82 -38.03
N THR A 383 -2.40 -5.61 -38.60
CA THR A 383 -2.33 -5.41 -40.04
C THR A 383 -0.87 -5.35 -40.49
N ALA A 384 -0.14 -6.41 -40.15
CA ALA A 384 1.31 -6.41 -40.37
C ALA A 384 1.70 -6.22 -41.83
N PRO A 385 1.14 -6.94 -42.79
CA PRO A 385 1.63 -6.79 -44.18
C PRO A 385 1.46 -5.39 -44.73
N PHE A 386 0.40 -4.68 -44.32
CA PHE A 386 0.11 -3.39 -44.93
C PHE A 386 1.19 -2.37 -44.61
N HIS A 387 1.69 -2.34 -43.37
CA HIS A 387 2.64 -1.35 -42.93
C HIS A 387 4.02 -1.97 -42.77
N LYS A 388 5.06 -1.14 -42.98
CA LYS A 388 6.42 -1.60 -42.78
C LYS A 388 6.68 -1.89 -41.31
N VAL A 389 7.56 -2.86 -41.06
CA VAL A 389 7.81 -3.35 -39.71
C VAL A 389 8.98 -2.57 -39.12
N GLY A 390 8.68 -1.77 -38.10
CA GLY A 390 9.71 -1.13 -37.31
C GLY A 390 10.06 -1.96 -36.09
N PHE A 391 10.95 -1.42 -35.26
CA PHE A 391 11.33 -2.12 -34.04
C PHE A 391 10.13 -2.30 -33.12
N ALA A 392 9.32 -1.26 -32.96
CA ALA A 392 8.17 -1.34 -32.07
C ALA A 392 7.18 -2.39 -32.54
N ASP A 393 6.93 -2.46 -33.85
CA ASP A 393 5.95 -3.41 -34.36
C ASP A 393 6.41 -4.85 -34.12
N PHE A 394 7.67 -5.15 -34.47
CA PHE A 394 8.18 -6.49 -34.26
C PHE A 394 8.23 -6.84 -32.76
N TRP A 395 8.63 -5.88 -31.94
CA TRP A 395 8.69 -6.13 -30.50
C TRP A 395 7.32 -6.44 -29.93
N LEU A 396 6.31 -5.67 -30.32
CA LEU A 396 4.95 -5.92 -29.82
C LEU A 396 4.41 -7.24 -30.36
N ALA A 397 4.73 -7.58 -31.61
CA ALA A 397 4.32 -8.87 -32.14
C ALA A 397 4.95 -10.01 -31.34
N ASP A 398 6.22 -9.87 -30.97
CA ASP A 398 6.84 -10.87 -30.12
C ASP A 398 6.16 -10.94 -28.75
N GLN A 399 5.83 -9.79 -28.17
CA GLN A 399 5.12 -9.80 -26.89
C GLN A 399 3.80 -10.56 -27.02
N LEU A 400 3.07 -10.33 -28.11
CA LEU A 400 1.85 -11.08 -28.35
C LEU A 400 2.14 -12.57 -28.48
N ASN A 401 3.23 -12.91 -29.17
CA ASN A 401 3.63 -14.32 -29.27
C ASN A 401 3.80 -14.93 -27.89
N SER A 402 4.35 -14.17 -26.94
CA SER A 402 4.50 -14.66 -25.58
C SER A 402 3.19 -14.65 -24.79
N LEU A 403 2.11 -14.08 -25.34
CA LEU A 403 0.84 -13.95 -24.65
C LEU A 403 -0.30 -14.61 -25.42
N SER A 404 0.01 -15.65 -26.20
CA SER A 404 -1.03 -16.35 -26.94
C SER A 404 -2.01 -17.07 -26.04
N VAL A 405 -1.62 -17.36 -24.80
CA VAL A 405 -2.51 -18.07 -23.88
C VAL A 405 -3.76 -17.26 -23.61
N ILE A 406 -3.66 -15.93 -23.64
CA ILE A 406 -4.84 -15.10 -23.44
C ILE A 406 -5.84 -15.32 -24.56
N LEU A 407 -5.36 -15.33 -25.81
CA LEU A 407 -6.24 -15.58 -26.94
C LEU A 407 -6.84 -16.99 -26.88
N MET A 408 -6.01 -17.98 -26.50
CA MET A 408 -6.53 -19.33 -26.38
C MET A 408 -7.63 -19.41 -25.33
N ASP A 409 -7.44 -18.76 -24.18
CA ASP A 409 -8.45 -18.76 -23.13
C ASP A 409 -9.72 -18.06 -23.59
N LEU A 410 -9.57 -16.94 -24.32
CA LEU A 410 -10.76 -16.25 -24.82
C LEU A 410 -11.54 -17.13 -25.79
N GLU A 411 -10.84 -17.81 -26.70
CA GLU A 411 -11.53 -18.70 -27.63
C GLU A 411 -12.20 -19.85 -26.90
N TYR A 412 -11.53 -20.41 -25.89
CA TYR A 412 -12.14 -21.49 -25.12
C TYR A 412 -13.37 -21.01 -24.38
N MET A 413 -13.33 -19.79 -23.84
CA MET A 413 -14.50 -19.23 -23.17
C MET A 413 -15.65 -19.04 -24.14
N ILE A 414 -15.34 -18.56 -25.35
CA ILE A 414 -16.39 -18.40 -26.36
C ILE A 414 -17.03 -19.75 -26.67
N CYS A 415 -16.20 -20.79 -26.86
CA CYS A 415 -16.74 -22.12 -27.12
C CYS A 415 -17.58 -22.61 -25.95
N PHE A 416 -17.09 -22.40 -24.73
CA PHE A 416 -17.80 -22.87 -23.55
C PHE A 416 -19.17 -22.21 -23.43
N TYR A 417 -19.24 -20.91 -23.69
CA TYR A 417 -20.54 -20.22 -23.69
C TYR A 417 -21.42 -20.75 -24.82
N SER A 418 -20.85 -20.98 -25.99
CA SER A 418 -21.65 -21.40 -27.14
C SER A 418 -22.29 -22.76 -26.92
N LEU A 419 -21.51 -23.73 -26.40
CA LEU A 419 -21.96 -25.12 -26.32
C LEU A 419 -22.35 -25.52 -24.91
N GLU A 420 -21.45 -25.40 -23.95
CA GLU A 420 -21.73 -25.91 -22.60
C GLU A 420 -22.86 -25.14 -21.94
N LEU A 421 -22.88 -23.82 -22.11
CA LEU A 421 -23.94 -23.00 -21.53
C LEU A 421 -25.11 -22.87 -22.50
N GLU A 436 -22.75 -32.42 -24.34
CA GLU A 436 -21.67 -33.14 -23.67
C GLU A 436 -20.95 -32.23 -22.69
N SER A 437 -20.81 -32.69 -21.45
CA SER A 437 -20.09 -31.93 -20.44
C SER A 437 -18.62 -31.78 -20.86
N GLY A 438 -18.11 -30.56 -20.75
CA GLY A 438 -16.73 -30.32 -21.16
C GLY A 438 -16.47 -30.63 -22.61
N ILE A 439 -17.43 -30.31 -23.49
CA ILE A 439 -17.28 -30.65 -24.91
C ILE A 439 -16.11 -29.91 -25.52
N CYS A 440 -15.98 -28.62 -25.23
CA CYS A 440 -14.87 -27.84 -25.80
C CYS A 440 -13.53 -28.37 -25.30
N HIS A 441 -13.44 -28.69 -24.01
CA HIS A 441 -12.19 -29.22 -23.47
C HIS A 441 -11.92 -30.62 -24.00
N LYS A 442 -12.97 -31.44 -24.12
CA LYS A 442 -12.77 -32.84 -24.50
C LYS A 442 -12.33 -32.96 -25.96
N TYR A 443 -12.90 -32.15 -26.84
CA TYR A 443 -12.58 -32.21 -28.27
C TYR A 443 -11.77 -30.99 -28.69
N THR A 444 -10.99 -31.16 -29.74
CA THR A 444 -10.20 -30.08 -30.34
C THR A 444 -10.61 -29.93 -31.79
N TYR A 445 -10.65 -28.68 -32.26
CA TYR A 445 -11.05 -28.36 -33.62
C TYR A 445 -9.99 -27.48 -34.27
N GLY A 446 -10.12 -27.30 -35.59
CA GLY A 446 -9.12 -26.55 -36.32
C GLY A 446 -9.03 -25.10 -35.87
N VAL A 447 -10.18 -24.48 -35.59
CA VAL A 447 -10.20 -23.06 -35.24
C VAL A 447 -9.30 -22.79 -34.04
N ARG A 448 -9.24 -23.73 -33.10
CA ARG A 448 -8.33 -23.59 -31.96
C ARG A 448 -6.89 -23.51 -32.44
N ALA A 449 -6.51 -24.38 -33.38
CA ALA A 449 -5.16 -24.36 -33.92
C ALA A 449 -4.88 -23.04 -34.63
N ILE A 450 -5.85 -22.54 -35.39
CA ILE A 450 -5.65 -21.25 -36.07
C ILE A 450 -5.44 -20.14 -35.06
N VAL A 451 -6.24 -20.14 -33.98
CA VAL A 451 -6.09 -19.12 -32.95
C VAL A 451 -4.71 -19.21 -32.32
N GLN A 452 -4.21 -20.44 -32.10
CA GLN A 452 -2.90 -20.61 -31.49
C GLN A 452 -1.80 -19.97 -32.33
N CYS A 453 -1.97 -19.94 -33.65
CA CYS A 453 -0.92 -19.49 -34.56
C CYS A 453 -1.03 -18.02 -34.96
N ILE A 454 -1.99 -17.28 -34.38
CA ILE A 454 -2.19 -15.89 -34.81
C ILE A 454 -0.96 -15.04 -34.55
N PRO A 455 -0.36 -15.02 -33.35
CA PRO A 455 0.85 -14.19 -33.15
C PRO A 455 2.01 -14.63 -34.02
N ALA A 456 2.22 -15.94 -34.15
CA ALA A 456 3.29 -16.43 -35.01
C ALA A 456 3.00 -16.10 -36.47
N TRP A 457 1.74 -16.14 -36.88
CA TRP A 457 1.39 -15.71 -38.23
C TRP A 457 1.72 -14.25 -38.43
N LEU A 458 1.43 -13.40 -37.44
CA LEU A 458 1.74 -11.98 -37.56
C LEU A 458 3.25 -11.78 -37.69
N ARG A 459 4.04 -12.47 -36.86
CA ARG A 459 5.48 -12.32 -36.93
C ARG A 459 6.03 -12.82 -38.26
N PHE A 460 5.52 -13.95 -38.74
CA PHE A 460 5.98 -14.52 -40.01
C PHE A 460 5.67 -13.58 -41.17
N ILE A 461 4.47 -13.00 -41.20
CA ILE A 461 4.12 -12.07 -42.26
C ILE A 461 4.94 -10.79 -42.14
N GLN A 462 5.23 -10.35 -40.91
CA GLN A 462 6.11 -9.20 -40.73
C GLN A 462 7.49 -9.47 -41.31
N CYS A 463 8.02 -10.67 -41.06
CA CYS A 463 9.33 -11.03 -41.59
C CYS A 463 9.29 -11.07 -43.12
N LEU A 464 8.22 -11.60 -43.69
CA LEU A 464 8.10 -11.61 -45.15
C LEU A 464 8.05 -10.18 -45.70
N ARG A 465 7.31 -9.30 -45.04
CA ARG A 465 7.23 -7.91 -45.46
C ARG A 465 8.61 -7.25 -45.40
N ARG A 466 9.35 -7.51 -44.33
CA ARG A 466 10.70 -6.96 -44.22
C ARG A 466 11.61 -7.49 -45.31
N TYR A 467 11.49 -8.79 -45.62
CA TYR A 467 12.27 -9.35 -46.72
C TYR A 467 11.94 -8.65 -48.04
N ARG A 468 10.66 -8.44 -48.30
CA ARG A 468 10.27 -7.76 -49.54
C ARG A 468 10.81 -6.34 -49.58
N ASP A 469 10.75 -5.64 -48.45
CA ASP A 469 11.19 -4.23 -48.42
C ASP A 469 12.70 -4.12 -48.60
N THR A 470 13.46 -4.92 -47.86
CA THR A 470 14.92 -4.81 -47.87
C THR A 470 15.61 -5.82 -48.79
N LYS A 471 14.92 -6.90 -49.17
CA LYS A 471 15.48 -7.90 -50.07
C LYS A 471 16.68 -8.63 -49.45
N ARG A 472 16.71 -8.72 -48.12
CA ARG A 472 17.75 -9.44 -47.40
C ARG A 472 17.22 -10.83 -47.07
N ALA A 473 17.71 -11.84 -47.78
CA ALA A 473 17.15 -13.18 -47.65
C ALA A 473 17.46 -13.81 -46.30
N PHE A 474 18.73 -13.77 -45.89
CA PHE A 474 19.18 -14.58 -44.76
C PHE A 474 18.35 -14.32 -43.52
N PRO A 475 18.41 -13.12 -42.93
CA PRO A 475 17.77 -12.94 -41.62
C PRO A 475 16.26 -13.10 -41.67
N HIS A 476 15.60 -12.41 -42.59
CA HIS A 476 14.15 -12.42 -42.63
C HIS A 476 13.61 -13.80 -42.96
N LEU A 477 14.21 -14.50 -43.93
CA LEU A 477 13.72 -15.83 -44.29
C LEU A 477 13.98 -16.83 -43.17
N VAL A 478 15.15 -16.76 -42.51
CA VAL A 478 15.42 -17.66 -41.40
C VAL A 478 14.41 -17.43 -40.28
N ASN A 479 14.11 -16.16 -39.99
CA ASN A 479 13.12 -15.85 -38.96
C ASN A 479 11.73 -16.35 -39.37
N ALA A 480 11.39 -16.21 -40.65
CA ALA A 480 10.11 -16.70 -41.12
C ALA A 480 9.99 -18.21 -40.94
N GLY A 481 11.05 -18.94 -41.27
CA GLY A 481 11.04 -20.38 -41.01
C GLY A 481 10.94 -20.70 -39.54
N LYS A 482 11.65 -19.94 -38.70
CA LYS A 482 11.55 -20.10 -37.26
C LYS A 482 10.11 -19.96 -36.79
N TYR A 483 9.39 -18.99 -37.32
CA TYR A 483 8.00 -18.79 -36.92
C TYR A 483 7.08 -19.84 -37.52
N SER A 484 7.42 -20.37 -38.70
CA SER A 484 6.58 -21.40 -39.33
C SER A 484 6.73 -22.75 -38.66
N THR A 485 7.87 -23.00 -38.00
CA THR A 485 8.00 -24.22 -37.21
C THR A 485 6.86 -24.36 -36.22
N THR A 486 6.39 -23.24 -35.66
CA THR A 486 5.28 -23.28 -34.72
C THR A 486 3.99 -23.71 -35.42
N PHE A 487 3.74 -23.21 -36.63
CA PHE A 487 2.57 -23.66 -37.38
C PHE A 487 2.63 -25.16 -37.59
N PHE A 488 3.81 -25.67 -38.00
CA PHE A 488 3.94 -27.10 -38.24
C PHE A 488 3.66 -27.89 -36.97
N MET A 489 4.25 -27.46 -35.85
CA MET A 489 4.03 -28.16 -34.59
C MET A 489 2.56 -28.19 -34.22
N VAL A 490 1.89 -27.02 -34.30
CA VAL A 490 0.51 -26.93 -33.86
C VAL A 490 -0.39 -27.78 -34.76
N THR A 491 -0.20 -27.69 -36.08
CA THR A 491 -1.06 -28.44 -36.98
C THR A 491 -0.85 -29.95 -36.82
N PHE A 492 0.40 -30.38 -36.63
CA PHE A 492 0.63 -31.81 -36.44
C PHE A 492 0.04 -32.30 -35.13
N ALA A 493 0.15 -31.51 -34.06
CA ALA A 493 -0.47 -31.88 -32.80
C ALA A 493 -1.99 -32.00 -32.94
N ALA A 494 -2.60 -31.03 -33.63
CA ALA A 494 -4.05 -31.07 -33.83
C ALA A 494 -4.46 -32.30 -34.63
N LEU A 495 -3.70 -32.61 -35.69
CA LEU A 495 -4.00 -33.79 -36.48
C LEU A 495 -3.89 -35.05 -35.64
N TYR A 496 -2.86 -35.14 -34.79
CA TYR A 496 -2.70 -36.31 -33.94
C TYR A 496 -3.88 -36.44 -32.99
N SER A 497 -4.29 -35.32 -32.39
CA SER A 497 -5.41 -35.36 -31.44
C SER A 497 -6.70 -35.79 -32.13
N THR A 498 -6.95 -35.25 -33.33
CA THR A 498 -8.15 -35.65 -34.07
C THR A 498 -8.10 -37.13 -34.42
N HIS A 499 -6.92 -37.62 -34.81
CA HIS A 499 -6.79 -39.04 -35.15
C HIS A 499 -7.03 -39.92 -33.92
N LYS A 500 -6.57 -39.48 -32.74
CA LYS A 500 -6.90 -40.20 -31.52
C LYS A 500 -8.40 -40.22 -31.30
N GLU A 501 -9.05 -39.08 -31.54
CA GLU A 501 -10.51 -39.02 -31.34
C GLU A 501 -11.22 -40.03 -32.22
N ARG A 502 -10.79 -40.16 -33.48
CA ARG A 502 -11.33 -41.14 -34.42
C ARG A 502 -10.16 -41.87 -35.05
N GLY A 503 -10.00 -43.15 -34.71
CA GLY A 503 -8.86 -43.92 -35.17
C GLY A 503 -8.75 -43.99 -36.68
N HIS A 504 -7.74 -43.32 -37.24
CA HIS A 504 -7.47 -43.34 -38.66
C HIS A 504 -6.30 -44.26 -39.01
N SER A 505 -5.63 -44.84 -38.02
CA SER A 505 -4.49 -45.74 -38.17
C SER A 505 -3.21 -44.98 -38.49
N ASP A 506 -3.24 -43.66 -38.52
CA ASP A 506 -2.04 -42.84 -38.77
C ASP A 506 -1.68 -41.99 -37.56
N THR A 507 -2.20 -42.33 -36.38
CA THR A 507 -1.96 -41.51 -35.20
C THR A 507 -0.48 -41.49 -34.81
N MET A 508 0.20 -42.63 -34.91
CA MET A 508 1.59 -42.70 -34.50
C MET A 508 2.49 -41.91 -35.45
N VAL A 509 2.17 -41.91 -36.75
CA VAL A 509 2.95 -41.14 -37.70
C VAL A 509 2.86 -39.65 -37.36
N PHE A 510 1.65 -39.17 -37.05
CA PHE A 510 1.49 -37.78 -36.67
C PHE A 510 2.14 -37.48 -35.32
N PHE A 511 2.15 -38.46 -34.40
CA PHE A 511 2.88 -38.29 -33.15
C PHE A 511 4.36 -38.05 -33.42
N TYR A 512 4.96 -38.90 -34.25
CA TYR A 512 6.38 -38.74 -34.55
C TYR A 512 6.65 -37.43 -35.26
N LEU A 513 5.77 -37.05 -36.21
CA LEU A 513 5.95 -35.78 -36.90
C LEU A 513 5.85 -34.60 -35.95
N TRP A 514 4.88 -34.64 -35.03
CA TRP A 514 4.73 -33.57 -34.06
C TRP A 514 5.96 -33.48 -33.16
N ILE A 515 6.49 -34.61 -32.74
CA ILE A 515 7.68 -34.60 -31.90
C ILE A 515 8.85 -34.00 -32.66
N VAL A 516 9.03 -34.42 -33.92
CA VAL A 516 10.14 -33.92 -34.72
C VAL A 516 10.03 -32.41 -34.88
N PHE A 517 8.84 -31.92 -35.21
CA PHE A 517 8.66 -30.49 -35.42
C PHE A 517 8.73 -29.72 -34.10
N TYR A 518 8.41 -30.37 -32.98
CA TYR A 518 8.53 -29.71 -31.68
C TYR A 518 10.00 -29.49 -31.33
N ILE A 519 10.83 -30.52 -31.49
CA ILE A 519 12.26 -30.32 -31.30
C ILE A 519 12.78 -29.27 -32.27
N ILE A 520 12.33 -29.32 -33.53
CA ILE A 520 12.81 -28.36 -34.52
C ILE A 520 12.47 -26.94 -34.10
N SER A 521 11.23 -26.71 -33.70
CA SER A 521 10.80 -25.37 -33.30
C SER A 521 11.55 -24.91 -32.07
N SER A 522 11.70 -25.77 -31.07
CA SER A 522 12.42 -25.38 -29.86
C SER A 522 13.85 -24.98 -30.19
N CYS A 523 14.56 -25.81 -30.95
CA CYS A 523 15.95 -25.49 -31.30
C CYS A 523 16.03 -24.22 -32.12
N TYR A 524 15.13 -24.06 -33.10
CA TYR A 524 15.16 -22.88 -33.96
C TYR A 524 14.97 -21.62 -33.14
N THR A 525 13.92 -21.57 -32.33
CA THR A 525 13.64 -20.37 -31.53
C THR A 525 14.77 -20.09 -30.55
N LEU A 526 15.27 -21.14 -29.87
CA LEU A 526 16.33 -20.93 -28.90
C LEU A 526 17.58 -20.37 -29.56
N ILE A 527 17.97 -20.95 -30.70
CA ILE A 527 19.18 -20.49 -31.39
C ILE A 527 19.00 -19.06 -31.86
N TRP A 528 17.82 -18.73 -32.42
CA TRP A 528 17.60 -17.37 -32.89
C TRP A 528 17.68 -16.37 -31.74
N ASP A 529 17.05 -16.68 -30.61
CA ASP A 529 17.09 -15.77 -29.47
C ASP A 529 18.52 -15.62 -28.92
N LEU A 530 19.25 -16.74 -28.82
CA LEU A 530 20.56 -16.68 -28.17
C LEU A 530 21.61 -16.02 -29.06
N LYS A 531 21.56 -16.29 -30.37
CA LYS A 531 22.61 -15.83 -31.26
C LYS A 531 22.28 -14.50 -31.94
N MET A 532 21.03 -14.30 -32.34
CA MET A 532 20.65 -13.13 -33.13
C MET A 532 20.03 -12.03 -32.28
N ASP A 533 18.97 -12.36 -31.53
CA ASP A 533 18.28 -11.33 -30.74
C ASP A 533 19.21 -10.74 -29.69
N TRP A 534 19.96 -11.59 -28.98
CA TRP A 534 20.85 -11.12 -27.93
C TRP A 534 22.25 -10.80 -28.41
N GLY A 535 22.63 -11.30 -29.58
CA GLY A 535 23.96 -11.05 -30.11
C GLY A 535 25.09 -11.64 -29.31
N LEU A 536 24.80 -12.56 -28.39
CA LEU A 536 25.83 -13.16 -27.57
C LEU A 536 26.59 -14.22 -28.36
N PHE A 537 27.57 -14.83 -27.71
CA PHE A 537 28.43 -15.85 -28.32
C PHE A 537 29.23 -15.30 -29.49
N ASP A 538 29.47 -13.99 -29.52
CA ASP A 538 30.19 -13.38 -30.63
C ASP A 538 31.64 -13.84 -30.64
N LYS A 539 32.19 -14.03 -31.85
CA LYS A 539 33.58 -14.42 -31.98
C LYS A 539 34.51 -13.30 -31.53
N ASN A 540 34.08 -12.05 -31.69
CA ASN A 540 34.94 -10.92 -31.34
C ASN A 540 35.28 -10.91 -29.85
N ALA A 541 34.31 -11.24 -29.01
CA ALA A 541 34.54 -11.20 -27.57
C ALA A 541 35.69 -12.11 -27.18
N GLY A 542 36.61 -11.55 -26.38
CA GLY A 542 37.73 -12.32 -25.88
C GLY A 542 37.73 -12.42 -24.37
N GLU A 543 37.23 -11.38 -23.69
CA GLU A 543 37.18 -11.40 -22.23
C GLU A 543 35.93 -12.13 -21.73
N ASN A 544 34.80 -11.95 -22.43
CA ASN A 544 33.55 -12.58 -22.06
C ASN A 544 33.34 -13.82 -22.92
N THR A 545 33.26 -14.98 -22.27
CA THR A 545 33.04 -16.24 -22.98
C THR A 545 31.55 -16.47 -23.17
N PHE A 546 31.18 -16.88 -24.38
CA PHE A 546 29.80 -17.14 -24.76
C PHE A 546 28.96 -15.87 -24.79
N LEU A 547 29.60 -14.70 -24.78
CA LEU A 547 28.90 -13.42 -24.77
C LEU A 547 29.51 -12.50 -25.82
N ARG A 548 28.75 -11.46 -26.18
CA ARG A 548 29.23 -10.50 -27.16
C ARG A 548 30.33 -9.63 -26.55
N GLU A 549 31.08 -8.96 -27.43
CA GLU A 549 32.25 -8.23 -26.99
C GLU A 549 31.90 -7.12 -26.01
N GLU A 550 30.84 -6.35 -26.32
CA GLU A 550 30.41 -5.25 -25.48
C GLU A 550 29.20 -5.67 -24.65
N ILE A 551 29.33 -5.60 -23.33
CA ILE A 551 28.24 -5.87 -22.40
C ILE A 551 28.06 -4.64 -21.52
N VAL A 552 26.82 -4.15 -21.42
CA VAL A 552 26.53 -2.92 -20.69
C VAL A 552 26.05 -3.27 -19.28
N TYR A 553 25.39 -4.41 -19.14
CA TYR A 553 24.87 -4.79 -17.83
C TYR A 553 26.03 -5.15 -16.89
N PRO A 554 25.88 -4.85 -15.60
CA PRO A 554 27.04 -5.00 -14.69
C PRO A 554 27.58 -6.41 -14.58
N GLN A 555 26.74 -7.44 -14.65
CA GLN A 555 27.14 -8.81 -14.34
C GLN A 555 27.00 -9.69 -15.57
N LYS A 556 28.04 -10.49 -15.85
CA LYS A 556 27.95 -11.53 -16.86
C LYS A 556 27.18 -12.73 -16.36
N ALA A 557 27.17 -12.95 -15.04
CA ALA A 557 26.32 -13.99 -14.47
C ALA A 557 24.86 -13.77 -14.84
N TYR A 558 24.45 -12.51 -14.99
CA TYR A 558 23.11 -12.22 -15.49
C TYR A 558 22.93 -12.82 -16.88
N TYR A 559 23.92 -12.63 -17.75
CA TYR A 559 23.83 -13.18 -19.10
C TYR A 559 23.75 -14.70 -19.08
N TYR A 560 24.58 -15.34 -18.26
CA TYR A 560 24.57 -16.80 -18.21
C TYR A 560 23.25 -17.33 -17.66
N CYS A 561 22.73 -16.71 -16.59
CA CYS A 561 21.45 -17.14 -16.04
C CYS A 561 20.33 -16.93 -17.04
N ALA A 562 20.35 -15.81 -17.77
CA ALA A 562 19.35 -15.59 -18.80
C ALA A 562 19.46 -16.63 -19.91
N ILE A 563 20.68 -17.00 -20.28
CA ILE A 563 20.84 -18.04 -21.28
C ILE A 563 20.19 -19.32 -20.81
N ILE A 564 20.50 -19.76 -19.58
CA ILE A 564 19.99 -21.03 -19.08
C ILE A 564 18.47 -20.99 -19.00
N GLU A 565 17.93 -19.89 -18.47
CA GLU A 565 16.49 -19.78 -18.32
C GLU A 565 15.80 -19.78 -19.68
N ASP A 566 16.41 -19.15 -20.69
CA ASP A 566 15.85 -19.21 -22.03
C ASP A 566 15.87 -20.62 -22.60
N VAL A 567 16.99 -21.33 -22.41
CA VAL A 567 17.06 -22.72 -22.88
C VAL A 567 15.91 -23.53 -22.30
N ILE A 568 15.69 -23.42 -20.99
CA ILE A 568 14.65 -24.25 -20.37
C ILE A 568 13.26 -23.78 -20.81
N LEU A 569 13.04 -22.47 -20.79
CA LEU A 569 11.70 -21.94 -20.96
C LEU A 569 11.23 -21.95 -22.42
N ARG A 570 12.14 -21.99 -23.39
CA ARG A 570 11.70 -22.15 -24.78
C ARG A 570 11.04 -23.51 -24.97
N PHE A 571 11.69 -24.57 -24.48
CA PHE A 571 11.07 -25.89 -24.54
C PHE A 571 9.79 -25.93 -23.72
N ALA A 572 9.78 -25.28 -22.55
CA ALA A 572 8.56 -25.22 -21.76
C ALA A 572 7.43 -24.55 -22.53
N TRP A 573 7.73 -23.46 -23.25
CA TRP A 573 6.70 -22.72 -23.98
C TRP A 573 6.19 -23.53 -25.17
N THR A 574 7.08 -24.23 -25.87
CA THR A 574 6.62 -25.12 -26.94
C THR A 574 5.72 -26.22 -26.39
N ILE A 575 6.08 -26.80 -25.25
CA ILE A 575 5.22 -27.80 -24.63
C ILE A 575 3.85 -27.20 -24.31
N GLN A 576 3.85 -26.00 -23.75
CA GLN A 576 2.59 -25.34 -23.37
C GLN A 576 1.72 -25.11 -24.60
N ILE A 577 2.32 -24.62 -25.69
CA ILE A 577 1.56 -24.41 -26.92
C ILE A 577 0.98 -25.72 -27.41
N SER A 578 1.80 -26.78 -27.39
CA SER A 578 1.33 -28.06 -27.89
C SER A 578 0.13 -28.56 -27.09
N ILE A 579 0.19 -28.46 -25.76
CA ILE A 579 -0.92 -28.98 -24.96
C ILE A 579 -2.15 -28.10 -25.12
N THR A 580 -1.97 -26.78 -25.07
CA THR A 580 -3.12 -25.87 -25.11
C THR A 580 -3.85 -25.96 -26.45
N SER A 581 -3.11 -26.02 -27.56
CA SER A 581 -3.74 -26.01 -28.87
C SER A 581 -4.56 -27.26 -29.14
N THR A 582 -4.34 -28.34 -28.38
CA THR A 582 -4.97 -29.62 -28.67
C THR A 582 -5.43 -30.23 -27.35
N THR A 583 -5.81 -31.51 -27.41
CA THR A 583 -6.25 -32.29 -26.25
C THR A 583 -5.22 -33.35 -25.89
N LEU A 584 -3.93 -32.99 -25.97
CA LEU A 584 -2.87 -33.95 -25.68
C LEU A 584 -2.94 -34.43 -24.24
N LEU A 585 -3.17 -33.52 -23.30
CA LEU A 585 -3.19 -33.84 -21.87
C LEU A 585 -4.47 -33.28 -21.27
N PRO A 586 -5.62 -33.90 -21.55
CA PRO A 586 -6.88 -33.38 -21.00
C PRO A 586 -6.92 -33.36 -19.49
N HIS A 587 -6.27 -34.32 -18.83
CA HIS A 587 -6.34 -34.40 -17.37
C HIS A 587 -5.56 -33.27 -16.71
N SER A 588 -4.34 -32.99 -17.19
CA SER A 588 -3.46 -32.00 -16.58
C SER A 588 -3.01 -30.92 -17.54
N GLY A 589 -3.62 -30.84 -18.73
CA GLY A 589 -3.20 -29.81 -19.68
C GLY A 589 -3.45 -28.41 -19.16
N ASP A 590 -4.61 -28.18 -18.55
CA ASP A 590 -4.93 -26.84 -18.04
C ASP A 590 -3.95 -26.41 -16.97
N ILE A 591 -3.64 -27.31 -16.02
CA ILE A 591 -2.73 -26.97 -14.93
C ILE A 591 -1.33 -26.69 -15.48
N ILE A 592 -0.87 -27.53 -16.41
CA ILE A 592 0.46 -27.33 -16.99
C ILE A 592 0.53 -26.00 -17.71
N ALA A 593 -0.49 -25.68 -18.51
CA ALA A 593 -0.51 -24.41 -19.22
C ALA A 593 -0.52 -23.24 -18.24
N THR A 594 -1.31 -23.35 -17.17
CA THR A 594 -1.38 -22.28 -16.19
C THR A 594 -0.03 -22.05 -15.52
N VAL A 595 0.66 -23.12 -15.17
CA VAL A 595 1.98 -22.98 -14.55
C VAL A 595 2.98 -22.41 -15.56
N PHE A 596 2.87 -22.81 -16.83
CA PHE A 596 3.87 -22.45 -17.82
C PHE A 596 3.73 -21.00 -18.29
N ALA A 597 2.51 -20.51 -18.41
CA ALA A 597 2.31 -19.19 -19.02
C ALA A 597 3.06 -18.09 -18.27
N PRO A 598 3.00 -17.97 -16.95
CA PRO A 598 3.82 -16.97 -16.26
C PRO A 598 5.30 -17.17 -16.52
N LEU A 599 5.76 -18.42 -16.62
CA LEU A 599 7.17 -18.67 -16.92
C LEU A 599 7.54 -18.16 -18.30
N GLU A 600 6.66 -18.35 -19.28
CA GLU A 600 6.90 -17.80 -20.61
C GLU A 600 6.93 -16.27 -20.57
N VAL A 601 6.05 -15.67 -19.78
CA VAL A 601 6.05 -14.22 -19.65
C VAL A 601 7.36 -13.72 -19.08
N PHE A 602 7.87 -14.41 -18.05
CA PHE A 602 9.15 -14.05 -17.46
C PHE A 602 10.30 -14.23 -18.47
N ARG A 603 10.25 -15.31 -19.24
CA ARG A 603 11.27 -15.54 -20.27
C ARG A 603 11.26 -14.41 -21.29
N ARG A 604 10.08 -13.99 -21.73
CA ARG A 604 10.00 -12.87 -22.66
C ARG A 604 10.44 -11.57 -22.01
N PHE A 605 10.23 -11.41 -20.70
CA PHE A 605 10.76 -10.24 -20.00
C PHE A 605 12.28 -10.18 -20.10
N VAL A 606 12.94 -11.30 -19.78
CA VAL A 606 14.40 -11.35 -19.87
C VAL A 606 14.84 -11.15 -21.33
N TRP A 607 14.10 -11.74 -22.27
CA TRP A 607 14.43 -11.60 -23.68
C TRP A 607 14.34 -10.16 -24.12
N ASN A 608 13.30 -9.44 -23.66
CA ASN A 608 13.19 -8.01 -23.97
C ASN A 608 14.39 -7.26 -23.40
N PHE A 609 14.74 -7.53 -22.15
CA PHE A 609 15.94 -6.94 -21.56
C PHE A 609 17.11 -7.04 -22.52
N PHE A 610 17.49 -8.28 -22.85
CA PHE A 610 18.75 -8.50 -23.56
C PHE A 610 18.65 -8.10 -25.03
N ARG A 611 17.48 -8.28 -25.65
CA ARG A 611 17.31 -7.85 -27.03
C ARG A 611 17.41 -6.33 -27.16
N LEU A 612 16.80 -5.59 -26.24
CA LEU A 612 16.94 -4.14 -26.26
C LEU A 612 18.39 -3.74 -26.02
N GLU A 613 19.07 -4.41 -25.09
CA GLU A 613 20.48 -4.11 -24.88
C GLU A 613 21.28 -4.29 -26.16
N ASN A 614 21.11 -5.44 -26.82
CA ASN A 614 21.88 -5.72 -28.04
C ASN A 614 21.51 -4.73 -29.15
N GLU A 615 20.22 -4.41 -29.29
CA GLU A 615 19.80 -3.48 -30.32
C GLU A 615 20.43 -2.10 -30.10
N HIS A 616 20.48 -1.65 -28.84
CA HIS A 616 21.15 -0.39 -28.56
C HIS A 616 22.64 -0.49 -28.89
N LEU A 617 23.28 -1.60 -28.54
CA LEU A 617 24.70 -1.74 -28.83
C LEU A 617 24.95 -1.87 -30.33
N ASN A 618 24.20 -2.74 -31.00
CA ASN A 618 24.37 -2.97 -32.43
C ASN A 618 23.00 -3.05 -33.10
N ASN A 619 22.99 -2.75 -34.39
CA ASN A 619 21.76 -2.77 -35.18
C ASN A 619 21.45 -4.21 -35.59
N CYS A 620 21.13 -5.02 -34.57
CA CYS A 620 20.78 -6.42 -34.84
C CYS A 620 19.52 -6.52 -35.68
N GLY A 621 18.51 -5.71 -35.38
CA GLY A 621 17.28 -5.70 -36.16
C GLY A 621 17.33 -4.88 -37.43
N GLU A 622 18.41 -4.10 -37.61
CA GLU A 622 18.58 -3.28 -38.81
C GLU A 622 17.42 -2.30 -38.99
N PHE A 623 16.91 -1.80 -37.86
CA PHE A 623 15.85 -0.80 -37.88
C PHE A 623 16.37 0.63 -37.98
N ARG A 624 17.68 0.83 -37.85
CA ARG A 624 18.28 2.15 -37.90
C ARG A 624 19.42 2.15 -38.92
N ALA A 625 19.67 3.32 -39.50
CA ALA A 625 20.72 3.47 -40.49
C ALA A 625 22.03 3.89 -39.82
N PRO B 228 12.99 17.29 -0.05
CA PRO B 228 12.03 16.24 -0.38
C PRO B 228 12.39 14.89 0.23
N ALA B 229 11.36 14.12 0.61
CA ALA B 229 11.60 12.83 1.23
C ALA B 229 12.09 11.82 0.18
N PRO B 230 12.78 10.77 0.61
CA PRO B 230 13.25 9.76 -0.35
C PRO B 230 12.08 9.09 -1.07
N ALA B 231 12.32 8.73 -2.32
CA ALA B 231 11.29 8.02 -3.10
C ALA B 231 10.92 6.70 -2.44
N TRP B 232 11.92 5.96 -1.94
CA TRP B 232 11.64 4.73 -1.24
C TRP B 232 10.80 4.98 0.01
N THR B 233 11.04 6.11 0.68
CA THR B 233 10.22 6.44 1.85
C THR B 233 8.76 6.65 1.45
N THR B 234 8.51 7.34 0.35
CA THR B 234 7.15 7.53 -0.12
C THR B 234 6.51 6.20 -0.52
N PHE B 235 7.28 5.34 -1.18
CA PHE B 235 6.75 4.02 -1.54
C PHE B 235 6.38 3.23 -0.29
N ARG B 236 7.23 3.27 0.74
CA ARG B 236 6.92 2.57 1.99
C ARG B 236 5.68 3.16 2.64
N VAL B 237 5.54 4.49 2.63
CA VAL B 237 4.37 5.13 3.21
C VAL B 237 3.11 4.64 2.50
N GLY B 238 3.13 4.64 1.16
CA GLY B 238 1.97 4.18 0.42
C GLY B 238 1.65 2.72 0.68
N LEU B 239 2.68 1.86 0.68
CA LEU B 239 2.46 0.44 0.93
C LEU B 239 1.84 0.22 2.30
N PHE B 240 2.38 0.91 3.32
CA PHE B 240 1.86 0.75 4.66
C PHE B 240 0.43 1.26 4.76
N CYS B 241 0.13 2.40 4.12
CA CYS B 241 -1.23 2.92 4.16
C CYS B 241 -2.20 1.94 3.52
N GLY B 242 -1.83 1.37 2.37
CA GLY B 242 -2.72 0.42 1.71
C GLY B 242 -2.94 -0.83 2.54
N ILE B 243 -1.86 -1.39 3.09
CA ILE B 243 -1.99 -2.59 3.91
C ILE B 243 -2.86 -2.29 5.13
N PHE B 244 -2.65 -1.14 5.76
CA PHE B 244 -3.45 -0.77 6.93
C PHE B 244 -4.92 -0.62 6.56
N ILE B 245 -5.21 -0.03 5.41
CA ILE B 245 -6.60 0.14 4.99
C ILE B 245 -7.25 -1.22 4.78
N VAL B 246 -6.56 -2.13 4.08
CA VAL B 246 -7.16 -3.44 3.81
C VAL B 246 -7.34 -4.22 5.12
N LEU B 247 -6.37 -4.12 6.02
CA LEU B 247 -6.49 -4.81 7.31
C LEU B 247 -7.66 -4.26 8.11
N ASN B 248 -7.86 -2.94 8.08
CA ASN B 248 -9.00 -2.35 8.77
C ASN B 248 -10.32 -2.82 8.18
N ILE B 249 -10.38 -2.91 6.84
CA ILE B 249 -11.60 -3.43 6.20
C ILE B 249 -11.85 -4.86 6.65
N THR B 250 -10.79 -5.69 6.68
CA THR B 250 -10.95 -7.07 7.11
C THR B 250 -11.41 -7.14 8.57
N LEU B 251 -10.85 -6.29 9.43
CA LEU B 251 -11.26 -6.26 10.83
C LEU B 251 -12.74 -5.91 10.96
N VAL B 252 -13.18 -4.89 10.22
CA VAL B 252 -14.59 -4.49 10.29
C VAL B 252 -15.48 -5.62 9.80
N LEU B 253 -15.11 -6.26 8.69
CA LEU B 253 -15.92 -7.37 8.17
C LEU B 253 -15.99 -8.52 9.16
N ALA B 254 -14.86 -8.86 9.79
CA ALA B 254 -14.87 -9.92 10.78
C ALA B 254 -15.74 -9.55 11.98
N ALA B 255 -15.66 -8.30 12.42
CA ALA B 255 -16.46 -7.88 13.57
C ALA B 255 -17.95 -7.95 13.26
N VAL B 256 -18.36 -7.48 12.08
CA VAL B 256 -19.79 -7.49 11.76
C VAL B 256 -20.28 -8.91 11.51
N PHE B 257 -19.47 -9.75 10.86
CA PHE B 257 -19.87 -11.10 10.55
C PHE B 257 -19.48 -12.09 11.64
N LYS B 258 -18.21 -12.09 12.04
CA LYS B 258 -17.73 -13.01 13.06
C LYS B 258 -17.73 -12.35 14.44
N ILE B 265 -13.37 -12.85 26.98
CA ILE B 265 -12.38 -13.27 27.95
C ILE B 265 -11.49 -12.09 28.33
N TRP B 266 -11.25 -11.21 27.35
CA TRP B 266 -10.42 -10.03 27.55
C TRP B 266 -11.14 -8.80 27.03
N PRO B 267 -10.87 -7.62 27.62
CA PRO B 267 -11.44 -6.37 27.08
C PRO B 267 -10.62 -5.84 25.90
N LEU B 268 -10.90 -6.38 24.72
CA LEU B 268 -10.11 -6.03 23.54
C LEU B 268 -10.20 -4.55 23.23
N ILE B 269 -11.39 -3.95 23.38
CA ILE B 269 -11.55 -2.53 23.10
C ILE B 269 -10.60 -1.71 23.97
N ARG B 270 -10.59 -1.98 25.27
CA ARG B 270 -9.73 -1.23 26.17
C ARG B 270 -8.25 -1.51 25.90
N ILE B 271 -7.93 -2.76 25.56
CA ILE B 271 -6.54 -3.11 25.29
C ILE B 271 -6.01 -2.35 24.08
N TYR B 272 -6.80 -2.28 23.01
CA TYR B 272 -6.35 -1.73 21.75
C TYR B 272 -6.64 -0.24 21.58
N ARG B 273 -7.40 0.36 22.51
CA ARG B 273 -7.68 1.79 22.41
C ARG B 273 -6.40 2.61 22.49
N GLY B 274 -5.47 2.25 23.37
CA GLY B 274 -4.24 3.01 23.49
C GLY B 274 -3.41 2.96 22.21
N GLY B 275 -3.28 1.78 21.62
CA GLY B 275 -2.54 1.67 20.37
C GLY B 275 -3.19 2.45 19.25
N PHE B 276 -4.52 2.36 19.13
CA PHE B 276 -5.20 3.11 18.10
C PHE B 276 -5.01 4.61 18.29
N LEU B 277 -5.11 5.09 19.53
CA LEU B 277 -4.93 6.51 19.81
C LEU B 277 -3.50 6.94 19.48
N LEU B 278 -2.52 6.11 19.80
CA LEU B 278 -1.13 6.46 19.50
C LEU B 278 -0.91 6.54 17.99
N ILE B 279 -1.47 5.60 17.24
CA ILE B 279 -1.32 5.64 15.78
C ILE B 279 -1.98 6.89 15.22
N GLU B 280 -3.19 7.21 15.71
CA GLU B 280 -3.86 8.43 15.24
C GLU B 280 -3.04 9.66 15.58
N PHE B 281 -2.46 9.70 16.77
CA PHE B 281 -1.64 10.84 17.16
C PHE B 281 -0.43 10.99 16.26
N LEU B 282 0.22 9.88 15.92
CA LEU B 282 1.37 9.96 15.02
C LEU B 282 0.97 10.46 13.64
N PHE B 283 -0.16 9.97 13.12
CA PHE B 283 -0.63 10.42 11.81
C PHE B 283 -0.93 11.92 11.83
N LEU B 284 -1.64 12.37 12.87
CA LEU B 284 -1.98 13.78 12.96
C LEU B 284 -0.75 14.64 13.20
N LEU B 285 0.27 14.09 13.87
CA LEU B 285 1.52 14.83 14.04
C LEU B 285 2.26 14.98 12.71
N GLY B 286 2.23 13.94 11.88
CA GLY B 286 2.77 14.08 10.53
C GLY B 286 2.04 15.16 9.75
N ILE B 287 0.71 15.18 9.85
CA ILE B 287 -0.06 16.23 9.19
C ILE B 287 0.33 17.60 9.75
N ASN B 288 0.53 17.69 11.07
CA ASN B 288 0.94 18.95 11.68
C ASN B 288 2.28 19.42 11.14
N THR B 289 3.24 18.52 11.02
CA THR B 289 4.55 18.89 10.49
C THR B 289 4.43 19.36 9.04
N TYR B 290 3.64 18.66 8.23
CA TYR B 290 3.46 19.08 6.85
C TYR B 290 2.85 20.48 6.79
N GLY B 291 1.82 20.72 7.59
CA GLY B 291 1.19 22.03 7.59
C GLY B 291 2.09 23.13 8.09
N TRP B 292 2.90 22.83 9.12
CA TRP B 292 3.86 23.81 9.61
C TRP B 292 4.87 24.17 8.52
N ARG B 293 5.39 23.17 7.81
CA ARG B 293 6.33 23.46 6.74
C ARG B 293 5.67 24.26 5.63
N GLN B 294 4.44 23.92 5.26
CA GLN B 294 3.75 24.64 4.20
C GLN B 294 3.51 26.10 4.59
N ALA B 295 3.07 26.34 5.83
CA ALA B 295 2.74 27.68 6.27
C ALA B 295 3.98 28.54 6.53
N GLY B 296 5.18 27.96 6.49
CA GLY B 296 6.38 28.69 6.78
C GLY B 296 6.73 28.80 8.25
N VAL B 297 5.93 28.21 9.14
CA VAL B 297 6.24 28.23 10.56
C VAL B 297 7.55 27.50 10.80
N ASN B 298 8.47 28.15 11.51
CA ASN B 298 9.79 27.57 11.79
C ASN B 298 9.72 26.67 13.01
N HIS B 299 8.88 25.62 12.89
CA HIS B 299 8.71 24.69 13.99
C HIS B 299 10.05 24.09 14.43
N VAL B 300 11.00 23.98 13.51
CA VAL B 300 12.34 23.52 13.89
C VAL B 300 12.96 24.45 14.92
N LEU B 301 12.84 25.76 14.70
CA LEU B 301 13.37 26.73 15.65
C LEU B 301 12.60 26.67 16.98
N ILE B 302 11.28 26.54 16.91
CA ILE B 302 10.48 26.56 18.13
C ILE B 302 10.81 25.35 19.00
N PHE B 303 10.94 24.17 18.38
CA PHE B 303 11.29 22.96 19.10
C PHE B 303 12.80 22.83 19.31
N GLU B 304 13.59 23.77 18.82
CA GLU B 304 15.05 23.73 18.96
C GLU B 304 15.64 22.50 18.30
N LEU B 305 15.01 22.02 17.23
CA LEU B 305 15.52 20.84 16.54
C LEU B 305 16.68 21.24 15.61
N ASN B 306 17.43 20.24 15.20
CA ASN B 306 18.62 20.49 14.40
C ASN B 306 18.23 20.97 13.00
N PRO B 307 18.64 22.17 12.58
CA PRO B 307 18.29 22.61 11.21
C PRO B 307 18.78 21.68 10.13
N ARG B 308 19.98 21.11 10.29
CA ARG B 308 20.54 20.27 9.23
C ARG B 308 19.76 18.97 9.07
N SER B 309 19.41 18.33 10.18
CA SER B 309 18.68 17.06 10.17
C SER B 309 17.29 17.28 10.73
N ASN B 310 16.27 16.97 9.92
CA ASN B 310 14.88 17.13 10.32
C ASN B 310 14.09 15.91 9.89
N LEU B 311 13.02 15.63 10.62
CA LEU B 311 12.15 14.49 10.33
C LEU B 311 11.00 14.98 9.46
N SER B 312 10.92 14.45 8.24
CA SER B 312 9.86 14.84 7.32
C SER B 312 8.54 14.22 7.76
N HIS B 313 7.44 14.85 7.34
CA HIS B 313 6.12 14.32 7.62
C HIS B 313 5.95 12.92 7.06
N GLN B 314 6.63 12.61 5.95
CA GLN B 314 6.51 11.28 5.37
C GLN B 314 7.07 10.21 6.31
N HIS B 315 8.13 10.53 7.04
CA HIS B 315 8.66 9.58 8.02
C HIS B 315 7.63 9.29 9.11
N LEU B 316 6.98 10.33 9.63
CA LEU B 316 5.94 10.13 10.63
C LEU B 316 4.80 9.29 10.07
N PHE B 317 4.40 9.57 8.83
CA PHE B 317 3.35 8.78 8.20
C PHE B 317 3.77 7.32 8.08
N GLU B 318 5.02 7.07 7.71
CA GLU B 318 5.49 5.70 7.58
C GLU B 318 5.46 4.97 8.91
N ILE B 319 5.94 5.61 9.97
CA ILE B 319 5.93 4.98 11.29
C ILE B 319 4.49 4.71 11.73
N ALA B 320 3.61 5.69 11.55
CA ALA B 320 2.22 5.49 11.94
C ALA B 320 1.59 4.35 11.16
N GLY B 321 1.86 4.27 9.86
CA GLY B 321 1.28 3.21 9.06
C GLY B 321 1.79 1.84 9.47
N PHE B 322 3.09 1.71 9.71
CA PHE B 322 3.64 0.42 10.11
C PHE B 322 3.07 -0.01 11.46
N LEU B 323 2.99 0.91 12.41
CA LEU B 323 2.38 0.58 13.69
C LEU B 323 0.91 0.23 13.53
N GLY B 324 0.22 0.87 12.58
CA GLY B 324 -1.16 0.51 12.32
C GLY B 324 -1.31 -0.90 11.78
N ILE B 325 -0.42 -1.30 10.87
CA ILE B 325 -0.44 -2.68 10.39
C ILE B 325 -0.21 -3.65 11.53
N LEU B 326 0.77 -3.37 12.38
CA LEU B 326 1.04 -4.27 13.50
C LEU B 326 -0.17 -4.35 14.43
N TRP B 327 -0.79 -3.21 14.71
CA TRP B 327 -1.97 -3.18 15.59
C TRP B 327 -3.12 -3.97 14.98
N CYS B 328 -3.37 -3.79 13.69
CA CYS B 328 -4.45 -4.50 13.03
C CYS B 328 -4.18 -6.00 12.99
N LEU B 329 -2.92 -6.39 12.74
CA LEU B 329 -2.58 -7.81 12.74
C LEU B 329 -2.78 -8.42 14.11
N SER B 330 -2.38 -7.72 15.16
CA SER B 330 -2.59 -8.22 16.52
C SER B 330 -4.08 -8.37 16.82
N LEU B 331 -4.88 -7.38 16.43
CA LEU B 331 -6.31 -7.47 16.67
C LEU B 331 -6.95 -8.62 15.90
N LEU B 332 -6.53 -8.81 14.64
CA LEU B 332 -7.05 -9.92 13.85
C LEU B 332 -6.67 -11.26 14.47
N ALA B 333 -5.42 -11.39 14.94
CA ALA B 333 -5.00 -12.63 15.59
C ALA B 333 -5.81 -12.89 16.85
N CYS B 334 -6.07 -11.84 17.63
CA CYS B 334 -6.88 -12.00 18.83
C CYS B 334 -8.30 -12.44 18.48
N PHE B 335 -8.89 -11.82 17.44
CA PHE B 335 -10.24 -12.18 17.05
C PHE B 335 -10.32 -13.62 16.56
N PHE B 336 -9.36 -14.03 15.72
CA PHE B 336 -9.42 -15.34 15.09
C PHE B 336 -8.73 -16.42 15.89
N ALA B 337 -7.72 -16.08 16.69
CA ALA B 337 -6.91 -17.05 17.41
C ALA B 337 -6.36 -18.09 16.42
N PRO B 338 -5.60 -17.67 15.42
CA PRO B 338 -5.17 -18.62 14.38
C PRO B 338 -4.37 -19.80 14.93
N ILE B 339 -3.54 -19.57 15.94
CA ILE B 339 -2.70 -20.61 16.52
C ILE B 339 -3.22 -20.89 17.92
N SER B 340 -3.61 -22.14 18.18
CA SER B 340 -4.25 -22.48 19.44
C SER B 340 -3.27 -22.41 20.60
N VAL B 341 -2.04 -22.87 20.42
CA VAL B 341 -1.10 -22.94 21.53
C VAL B 341 -0.83 -21.56 22.10
N ILE B 342 -0.65 -20.57 21.23
CA ILE B 342 -0.39 -19.20 21.66
C ILE B 342 -1.70 -18.61 22.18
N PRO B 343 -1.77 -18.15 23.42
CA PRO B 343 -3.01 -17.55 23.91
C PRO B 343 -3.29 -16.21 23.24
N THR B 344 -4.54 -15.77 23.36
CA THR B 344 -4.98 -14.58 22.65
C THR B 344 -4.23 -13.34 23.12
N TYR B 345 -4.04 -13.19 24.44
CA TYR B 345 -3.42 -11.98 24.96
C TYR B 345 -1.98 -11.79 24.47
N VAL B 346 -1.34 -12.87 24.02
CA VAL B 346 0.04 -12.77 23.56
C VAL B 346 0.14 -11.77 22.42
N TYR B 347 -0.87 -11.70 21.56
CA TYR B 347 -0.80 -10.74 20.46
C TYR B 347 -0.77 -9.30 20.95
N PRO B 348 -1.68 -8.84 21.81
CA PRO B 348 -1.55 -7.46 22.33
C PRO B 348 -0.29 -7.24 23.13
N LEU B 349 0.14 -8.19 23.97
CA LEU B 349 1.36 -7.98 24.73
C LEU B 349 2.56 -7.84 23.81
N ALA B 350 2.65 -8.68 22.78
CA ALA B 350 3.74 -8.58 21.83
C ALA B 350 3.70 -7.27 21.07
N LEU B 351 2.50 -6.84 20.67
CA LEU B 351 2.38 -5.56 19.96
C LEU B 351 2.92 -4.42 20.81
N TYR B 352 2.44 -4.31 22.04
CA TYR B 352 2.87 -3.20 22.91
C TYR B 352 4.35 -3.30 23.24
N GLY B 353 4.84 -4.51 23.51
CA GLY B 353 6.26 -4.67 23.80
C GLY B 353 7.13 -4.29 22.63
N PHE B 354 6.74 -4.68 21.41
CA PHE B 354 7.50 -4.31 20.24
C PHE B 354 7.48 -2.81 20.02
N MET B 355 6.33 -2.17 20.25
CA MET B 355 6.28 -0.71 20.13
C MET B 355 7.24 -0.06 21.11
N VAL B 356 7.24 -0.54 22.36
CA VAL B 356 8.13 0.02 23.37
C VAL B 356 9.59 -0.17 22.94
N PHE B 357 9.93 -1.38 22.50
CA PHE B 357 11.31 -1.66 22.10
C PHE B 357 11.72 -0.78 20.93
N PHE B 358 10.82 -0.60 19.96
CA PHE B 358 11.12 0.29 18.83
C PHE B 358 11.39 1.70 19.32
N LEU B 359 10.61 2.18 20.29
CA LEU B 359 10.88 3.50 20.86
C LEU B 359 12.25 3.54 21.53
N ILE B 360 12.61 2.48 22.25
CA ILE B 360 13.83 2.47 23.04
C ILE B 360 14.88 1.58 22.40
N ASN B 361 14.82 1.41 21.09
CA ASN B 361 15.76 0.55 20.39
C ASN B 361 17.19 1.05 20.58
N PRO B 362 18.05 0.31 21.29
CA PRO B 362 19.44 0.79 21.46
C PRO B 362 20.16 0.98 20.13
N THR B 363 19.91 0.13 19.15
CA THR B 363 20.59 0.23 17.87
C THR B 363 20.08 1.44 17.10
N LYS B 364 20.85 1.85 16.10
CA LYS B 364 20.55 3.03 15.30
C LYS B 364 19.85 2.68 13.99
N THR B 365 19.03 1.64 13.97
CA THR B 365 18.42 1.20 12.73
C THR B 365 17.37 2.17 12.22
N PHE B 366 16.46 2.61 13.09
CA PHE B 366 15.30 3.40 12.69
C PHE B 366 15.27 4.72 13.45
N TYR B 367 15.33 5.82 12.71
CA TYR B 367 15.16 7.17 13.26
C TYR B 367 15.82 7.31 14.63
N TYR B 368 17.08 6.89 14.74
CA TYR B 368 17.73 6.83 16.04
C TYR B 368 17.85 8.21 16.67
N LYS B 369 18.23 9.21 15.88
CA LYS B 369 18.36 10.56 16.43
C LYS B 369 17.03 11.07 16.97
N SER B 370 15.97 10.94 16.17
CA SER B 370 14.66 11.41 16.61
C SER B 370 14.18 10.63 17.83
N ARG B 371 14.38 9.32 17.84
CA ARG B 371 13.93 8.51 18.97
C ARG B 371 14.67 8.89 20.25
N PHE B 372 15.98 9.10 20.17
CA PHE B 372 16.74 9.50 21.34
C PHE B 372 16.31 10.89 21.82
N TRP B 373 16.06 11.81 20.88
CA TRP B 373 15.58 13.13 21.28
C TRP B 373 14.23 13.02 21.99
N LEU B 374 13.33 12.18 21.46
CA LEU B 374 12.03 12.00 22.10
C LEU B 374 12.18 11.39 23.49
N LEU B 375 13.08 10.41 23.64
CA LEU B 375 13.29 9.80 24.95
C LEU B 375 13.82 10.83 25.94
N LYS B 376 14.77 11.65 25.53
CA LYS B 376 15.29 12.70 26.41
C LYS B 376 14.18 13.68 26.79
N LEU B 377 13.36 14.06 25.82
CA LEU B 377 12.27 14.99 26.11
C LEU B 377 11.26 14.38 27.09
N LEU B 378 10.94 13.10 26.90
CA LEU B 378 10.02 12.43 27.83
C LEU B 378 10.61 12.36 29.23
N PHE B 379 11.89 12.04 29.35
CA PHE B 379 12.52 11.98 30.66
C PHE B 379 12.50 13.35 31.33
N ARG B 380 12.77 14.41 30.56
CA ARG B 380 12.73 15.75 31.12
C ARG B 380 11.31 16.13 31.55
N VAL B 381 10.31 15.76 30.75
CA VAL B 381 8.93 16.15 31.04
C VAL B 381 8.43 15.44 32.29
N PHE B 382 8.62 14.13 32.38
CA PHE B 382 8.17 13.40 33.56
C PHE B 382 8.85 13.90 34.82
N THR B 383 10.09 14.35 34.70
CA THR B 383 10.80 15.03 35.79
C THR B 383 10.63 16.54 35.67
N ALA B 384 9.36 16.96 35.70
CA ALA B 384 9.04 18.36 35.43
C ALA B 384 9.77 19.33 36.34
N PRO B 385 9.83 19.13 37.67
CA PRO B 385 10.41 20.17 38.53
C PRO B 385 11.93 20.19 38.54
N PHE B 386 12.56 19.04 38.28
CA PHE B 386 14.01 18.95 38.40
C PHE B 386 14.72 19.64 37.25
N HIS B 387 14.12 19.67 36.07
CA HIS B 387 14.71 20.27 34.88
C HIS B 387 13.94 21.50 34.43
N LYS B 388 14.67 22.48 33.91
CA LYS B 388 14.05 23.69 33.38
C LYS B 388 13.14 23.35 32.21
N VAL B 389 12.05 24.09 32.10
CA VAL B 389 11.01 23.80 31.10
C VAL B 389 11.26 24.64 29.86
N GLY B 390 11.33 23.96 28.70
CA GLY B 390 11.37 24.61 27.42
C GLY B 390 10.07 24.42 26.67
N PHE B 391 10.03 24.93 25.44
CA PHE B 391 8.84 24.78 24.61
C PHE B 391 8.55 23.32 24.33
N ALA B 392 9.59 22.54 24.00
CA ALA B 392 9.38 21.13 23.68
C ALA B 392 8.82 20.38 24.88
N ASP B 393 9.34 20.65 26.08
CA ASP B 393 8.83 19.96 27.26
C ASP B 393 7.36 20.28 27.51
N PHE B 394 7.00 21.56 27.40
CA PHE B 394 5.61 21.95 27.61
C PHE B 394 4.70 21.33 26.55
N TRP B 395 5.14 21.33 25.29
CA TRP B 395 4.34 20.75 24.23
C TRP B 395 4.13 19.25 24.45
N LEU B 396 5.19 18.54 24.83
CA LEU B 396 5.06 17.11 25.08
C LEU B 396 4.18 16.83 26.30
N ALA B 397 4.27 17.69 27.33
CA ALA B 397 3.38 17.55 28.47
C ALA B 397 1.92 17.73 28.05
N ASP B 398 1.66 18.70 27.18
CA ASP B 398 0.30 18.87 26.65
C ASP B 398 -0.14 17.63 25.88
N GLN B 399 0.75 17.09 25.04
CA GLN B 399 0.39 15.88 24.29
C GLN B 399 0.05 14.73 25.23
N LEU B 400 0.84 14.54 26.28
CA LEU B 400 0.53 13.49 27.25
C LEU B 400 -0.79 13.78 27.95
N ASN B 401 -1.09 15.06 28.20
CA ASN B 401 -2.39 15.41 28.76
C ASN B 401 -3.51 14.97 27.83
N SER B 402 -3.33 15.16 26.52
CA SER B 402 -4.30 14.67 25.55
C SER B 402 -4.32 13.15 25.44
N LEU B 403 -3.33 12.47 26.04
CA LEU B 403 -3.21 11.02 25.92
C LEU B 403 -3.37 10.31 27.26
N SER B 404 -4.06 10.94 28.22
CA SER B 404 -4.28 10.31 29.51
C SER B 404 -5.10 9.03 29.41
N VAL B 405 -5.81 8.85 28.29
CA VAL B 405 -6.61 7.65 28.11
C VAL B 405 -5.71 6.42 28.06
N ILE B 406 -4.51 6.54 27.51
CA ILE B 406 -3.58 5.42 27.47
C ILE B 406 -3.18 5.01 28.89
N LEU B 407 -2.86 5.99 29.74
CA LEU B 407 -2.53 5.69 31.13
C LEU B 407 -3.71 5.05 31.85
N MET B 408 -4.92 5.58 31.61
CA MET B 408 -6.11 5.00 32.23
C MET B 408 -6.29 3.55 31.80
N ASP B 409 -6.10 3.27 30.51
CA ASP B 409 -6.24 1.91 30.00
C ASP B 409 -5.18 0.99 30.60
N LEU B 410 -3.94 1.48 30.74
CA LEU B 410 -2.88 0.67 31.34
C LEU B 410 -3.21 0.34 32.79
N GLU B 411 -3.69 1.32 33.55
CA GLU B 411 -4.08 1.07 34.94
C GLU B 411 -5.24 0.08 35.00
N TYR B 412 -6.22 0.23 34.12
CA TYR B 412 -7.34 -0.70 34.10
C TYR B 412 -6.87 -2.12 33.78
N MET B 413 -5.93 -2.25 32.84
CA MET B 413 -5.40 -3.56 32.50
C MET B 413 -4.66 -4.17 33.68
N ILE B 414 -3.89 -3.37 34.40
CA ILE B 414 -3.20 -3.87 35.58
C ILE B 414 -4.21 -4.38 36.61
N CYS B 415 -5.26 -3.59 36.85
CA CYS B 415 -6.30 -4.01 37.78
C CYS B 415 -6.98 -5.30 37.31
N PHE B 416 -7.27 -5.39 36.00
CA PHE B 416 -7.92 -6.55 35.45
C PHE B 416 -7.08 -7.80 35.65
N TYR B 417 -5.77 -7.70 35.39
CA TYR B 417 -4.88 -8.83 35.62
C TYR B 417 -4.81 -9.19 37.11
N SER B 418 -4.74 -8.17 37.98
CA SER B 418 -4.59 -8.43 39.40
C SER B 418 -5.83 -9.10 40.00
N LEU B 419 -7.02 -8.68 39.58
CA LEU B 419 -8.26 -9.12 40.20
C LEU B 419 -9.07 -10.05 39.31
N GLU B 420 -9.36 -9.66 38.07
CA GLU B 420 -10.16 -10.51 37.20
C GLU B 420 -9.45 -11.85 36.95
N LEU B 421 -8.15 -11.80 36.67
CA LEU B 421 -7.39 -13.00 36.37
C LEU B 421 -6.45 -13.35 37.52
N GLU B 436 -17.91 -10.68 42.82
CA GLU B 436 -17.91 -9.59 41.86
C GLU B 436 -16.80 -9.77 40.83
N SER B 437 -17.18 -10.20 39.63
CA SER B 437 -16.20 -10.39 38.57
C SER B 437 -15.61 -9.05 38.13
N GLY B 438 -16.46 -8.17 37.59
CA GLY B 438 -16.00 -6.88 37.13
C GLY B 438 -15.77 -5.89 38.25
N ILE B 439 -14.94 -6.28 39.23
CA ILE B 439 -14.70 -5.43 40.38
C ILE B 439 -13.99 -4.14 39.97
N CYS B 440 -13.05 -4.24 39.03
CA CYS B 440 -12.26 -3.07 38.65
C CYS B 440 -13.15 -1.97 38.10
N HIS B 441 -14.09 -2.31 37.22
CA HIS B 441 -15.00 -1.32 36.67
C HIS B 441 -16.09 -0.95 37.67
N LYS B 442 -16.51 -1.89 38.52
CA LYS B 442 -17.55 -1.60 39.49
C LYS B 442 -17.09 -0.56 40.51
N TYR B 443 -15.85 -0.67 40.97
CA TYR B 443 -15.33 0.17 42.04
C TYR B 443 -14.16 1.00 41.53
N THR B 444 -13.97 2.18 42.13
CA THR B 444 -12.90 3.09 41.81
C THR B 444 -12.15 3.47 43.07
N TYR B 445 -10.92 3.96 42.89
CA TYR B 445 -10.03 4.24 44.00
C TYR B 445 -9.21 5.48 43.69
N GLY B 446 -8.52 5.98 44.71
CA GLY B 446 -7.71 7.18 44.55
C GLY B 446 -6.58 7.01 43.54
N VAL B 447 -6.02 5.80 43.45
CA VAL B 447 -4.94 5.56 42.50
C VAL B 447 -5.44 5.80 41.08
N ARG B 448 -6.69 5.42 40.80
CA ARG B 448 -7.27 5.67 39.48
C ARG B 448 -7.31 7.16 39.18
N ALA B 449 -7.77 7.97 40.14
CA ALA B 449 -7.80 9.41 39.94
C ALA B 449 -6.40 9.98 39.75
N ILE B 450 -5.43 9.47 40.51
CA ILE B 450 -4.05 9.94 40.36
C ILE B 450 -3.53 9.63 38.97
N VAL B 451 -3.81 8.43 38.48
CA VAL B 451 -3.38 8.07 37.12
C VAL B 451 -4.03 8.98 36.10
N GLN B 452 -5.32 9.30 36.31
CA GLN B 452 -6.00 10.20 35.39
C GLN B 452 -5.36 11.58 35.39
N CYS B 453 -4.98 12.07 36.57
CA CYS B 453 -4.52 13.45 36.73
C CYS B 453 -3.02 13.61 36.57
N ILE B 454 -2.26 12.53 36.40
CA ILE B 454 -0.81 12.64 36.31
C ILE B 454 -0.36 13.66 35.24
N PRO B 455 -0.87 13.61 34.00
CA PRO B 455 -0.40 14.60 33.01
C PRO B 455 -0.66 16.04 33.43
N ALA B 456 -1.83 16.32 34.00
CA ALA B 456 -2.10 17.66 34.48
C ALA B 456 -1.21 18.03 35.66
N TRP B 457 -0.85 17.05 36.49
CA TRP B 457 0.12 17.30 37.55
C TRP B 457 1.48 17.69 36.98
N LEU B 458 1.91 17.00 35.93
CA LEU B 458 3.17 17.34 35.29
C LEU B 458 3.12 18.75 34.71
N ARG B 459 2.03 19.09 34.04
CA ARG B 459 1.91 20.44 33.48
C ARG B 459 1.90 21.50 34.60
N PHE B 460 1.20 21.21 35.70
CA PHE B 460 1.15 22.14 36.83
C PHE B 460 2.52 22.36 37.42
N ILE B 461 3.29 21.29 37.59
CA ILE B 461 4.65 21.44 38.13
C ILE B 461 5.55 22.16 37.15
N GLN B 462 5.37 21.93 35.85
CA GLN B 462 6.14 22.68 34.85
C GLN B 462 5.83 24.17 34.96
N CYS B 463 4.55 24.52 35.11
CA CYS B 463 4.17 25.92 35.25
C CYS B 463 4.77 26.52 36.51
N LEU B 464 4.75 25.77 37.62
CA LEU B 464 5.34 26.28 38.86
C LEU B 464 6.84 26.50 38.69
N ARG B 465 7.53 25.58 38.03
CA ARG B 465 8.97 25.74 37.80
C ARG B 465 9.24 26.97 36.94
N ARG B 466 8.43 27.17 35.90
CA ARG B 466 8.60 28.35 35.05
C ARG B 466 8.35 29.62 35.85
N TYR B 467 7.36 29.61 36.72
CA TYR B 467 7.10 30.77 37.58
C TYR B 467 8.30 31.06 38.47
N ARG B 468 8.86 30.02 39.08
CA ARG B 468 10.01 30.22 39.95
C ARG B 468 11.19 30.78 39.19
N ASP B 469 11.45 30.25 37.99
CA ASP B 469 12.59 30.70 37.21
C ASP B 469 12.41 32.14 36.72
N THR B 470 11.24 32.43 36.14
CA THR B 470 11.01 33.74 35.55
C THR B 470 10.48 34.75 36.57
N LYS B 471 9.78 34.28 37.61
CA LYS B 471 9.20 35.13 38.64
C LYS B 471 7.98 35.90 38.14
N ARG B 472 7.43 35.51 36.99
CA ARG B 472 6.23 36.14 36.44
C ARG B 472 5.01 35.38 36.97
N ALA B 473 4.29 36.00 37.90
CA ALA B 473 3.22 35.31 38.59
C ALA B 473 2.02 35.07 37.69
N PHE B 474 1.59 36.09 36.94
CA PHE B 474 0.29 36.07 36.28
C PHE B 474 0.11 34.84 35.40
N PRO B 475 0.88 34.70 34.32
CA PRO B 475 0.57 33.63 33.34
C PRO B 475 0.75 32.25 33.91
N HIS B 476 1.88 32.04 34.59
CA HIS B 476 2.20 30.73 35.12
C HIS B 476 1.20 30.29 36.17
N LEU B 477 0.81 31.20 37.07
CA LEU B 477 -0.15 30.84 38.12
C LEU B 477 -1.54 30.62 37.52
N VAL B 478 -1.92 31.40 36.51
CA VAL B 478 -3.21 31.17 35.86
C VAL B 478 -3.23 29.80 35.21
N ASN B 479 -2.13 29.43 34.53
CA ASN B 479 -2.05 28.10 33.93
C ASN B 479 -2.08 27.01 35.00
N ALA B 480 -1.42 27.24 36.13
CA ALA B 480 -1.42 26.27 37.22
C ALA B 480 -2.84 26.06 37.75
N GLY B 481 -3.59 27.15 37.92
CA GLY B 481 -4.98 27.01 38.32
C GLY B 481 -5.81 26.27 37.28
N LYS B 482 -5.56 26.58 35.99
CA LYS B 482 -6.23 25.87 34.91
C LYS B 482 -6.01 24.37 35.02
N TYR B 483 -4.78 23.96 35.32
CA TYR B 483 -4.46 22.53 35.41
C TYR B 483 -4.99 21.90 36.70
N SER B 484 -5.03 22.66 37.80
CA SER B 484 -5.52 22.11 39.05
C SER B 484 -7.05 22.02 39.09
N THR B 485 -7.74 22.77 38.23
CA THR B 485 -9.18 22.58 38.10
C THR B 485 -9.49 21.12 37.78
N THR B 486 -8.62 20.48 36.97
CA THR B 486 -8.82 19.07 36.66
C THR B 486 -8.72 18.20 37.90
N PHE B 487 -7.74 18.47 38.77
CA PHE B 487 -7.61 17.70 40.00
C PHE B 487 -8.85 17.87 40.87
N PHE B 488 -9.31 19.11 41.02
CA PHE B 488 -10.48 19.35 41.85
C PHE B 488 -11.70 18.61 41.30
N MET B 489 -11.92 18.73 39.98
CA MET B 489 -13.04 18.05 39.35
C MET B 489 -12.97 16.54 39.56
N VAL B 490 -11.79 15.95 39.32
CA VAL B 490 -11.65 14.50 39.40
C VAL B 490 -11.87 14.02 40.83
N THR B 491 -11.31 14.73 41.81
CA THR B 491 -11.47 14.31 43.20
C THR B 491 -12.93 14.45 43.64
N PHE B 492 -13.61 15.50 43.20
CA PHE B 492 -15.03 15.64 43.54
C PHE B 492 -15.85 14.52 42.90
N ALA B 493 -15.54 14.16 41.66
CA ALA B 493 -16.23 13.04 41.03
C ALA B 493 -15.98 11.74 41.79
N ALA B 494 -14.74 11.52 42.21
CA ALA B 494 -14.41 10.31 42.96
C ALA B 494 -15.17 10.26 44.27
N LEU B 495 -15.24 11.39 44.98
CA LEU B 495 -15.99 11.42 46.24
C LEU B 495 -17.47 11.17 46.00
N TYR B 496 -18.03 11.76 44.93
CA TYR B 496 -19.43 11.54 44.62
C TYR B 496 -19.71 10.07 44.34
N SER B 497 -18.86 9.44 43.54
CA SER B 497 -19.05 8.02 43.24
C SER B 497 -18.92 7.17 44.51
N THR B 498 -17.90 7.45 45.33
CA THR B 498 -17.69 6.66 46.54
C THR B 498 -18.90 6.77 47.48
N HIS B 499 -19.43 7.98 47.66
CA HIS B 499 -20.59 8.14 48.52
C HIS B 499 -21.88 7.67 47.88
N LYS B 500 -21.92 7.57 46.54
CA LYS B 500 -23.03 6.88 45.90
C LYS B 500 -23.01 5.39 46.22
N GLU B 501 -21.80 4.80 46.23
CA GLU B 501 -21.69 3.40 46.63
C GLU B 501 -22.17 3.19 48.07
N ARG B 502 -21.80 4.10 48.97
CA ARG B 502 -22.24 4.07 50.36
C ARG B 502 -22.75 5.46 50.72
N GLY B 503 -24.06 5.58 50.92
CA GLY B 503 -24.67 6.86 51.21
C GLY B 503 -24.33 7.37 52.60
N HIS B 504 -23.52 8.43 52.66
CA HIS B 504 -23.16 9.07 53.92
C HIS B 504 -23.80 10.45 54.06
N SER B 505 -24.78 10.79 53.22
CA SER B 505 -25.49 12.06 53.22
C SER B 505 -24.67 13.19 52.60
N ASP B 506 -23.52 12.88 51.99
CA ASP B 506 -22.69 13.89 51.34
C ASP B 506 -22.56 13.65 49.84
N THR B 507 -23.29 12.69 49.28
CA THR B 507 -23.15 12.37 47.87
C THR B 507 -23.58 13.54 46.99
N MET B 508 -24.70 14.18 47.33
CA MET B 508 -25.20 15.28 46.52
C MET B 508 -24.27 16.48 46.57
N VAL B 509 -23.65 16.74 47.73
CA VAL B 509 -22.66 17.82 47.81
C VAL B 509 -21.51 17.55 46.86
N PHE B 510 -21.03 16.31 46.84
CA PHE B 510 -19.95 15.94 45.93
C PHE B 510 -20.37 16.07 44.48
N PHE B 511 -21.61 15.69 44.17
CA PHE B 511 -22.10 15.84 42.79
C PHE B 511 -22.13 17.29 42.37
N TYR B 512 -22.63 18.17 43.25
CA TYR B 512 -22.68 19.59 42.94
C TYR B 512 -21.27 20.15 42.76
N LEU B 513 -20.34 19.77 43.65
CA LEU B 513 -18.97 20.21 43.51
C LEU B 513 -18.37 19.73 42.19
N TRP B 514 -18.63 18.47 41.83
CA TRP B 514 -18.09 17.93 40.58
C TRP B 514 -18.61 18.70 39.38
N ILE B 515 -19.91 18.97 39.35
CA ILE B 515 -20.47 19.66 38.18
C ILE B 515 -19.94 21.08 38.10
N VAL B 516 -19.91 21.81 39.22
CA VAL B 516 -19.45 23.19 39.17
C VAL B 516 -17.99 23.25 38.75
N PHE B 517 -17.16 22.36 39.30
CA PHE B 517 -15.74 22.38 38.94
C PHE B 517 -15.52 21.85 37.53
N TYR B 518 -16.43 21.01 37.02
CA TYR B 518 -16.35 20.56 35.64
C TYR B 518 -16.57 21.74 34.69
N ILE B 519 -17.61 22.54 34.96
CA ILE B 519 -17.83 23.73 34.15
C ILE B 519 -16.64 24.68 34.28
N ILE B 520 -16.13 24.85 35.50
CA ILE B 520 -15.01 25.76 35.72
C ILE B 520 -13.79 25.31 34.92
N SER B 521 -13.47 24.02 34.97
CA SER B 521 -12.31 23.50 34.26
C SER B 521 -12.48 23.63 32.75
N SER B 522 -13.68 23.31 32.24
CA SER B 522 -13.92 23.45 30.81
C SER B 522 -13.71 24.88 30.37
N CYS B 523 -14.31 25.84 31.09
CA CYS B 523 -14.17 27.24 30.72
C CYS B 523 -12.71 27.68 30.81
N TYR B 524 -12.01 27.28 31.87
CA TYR B 524 -10.62 27.68 32.05
C TYR B 524 -9.76 27.18 30.90
N THR B 525 -9.86 25.89 30.60
CA THR B 525 -9.05 25.32 29.53
C THR B 525 -9.38 25.95 28.18
N LEU B 526 -10.67 26.13 27.89
CA LEU B 526 -11.05 26.69 26.60
C LEU B 526 -10.55 28.12 26.47
N ILE B 527 -10.69 28.92 27.52
CA ILE B 527 -10.23 30.32 27.47
C ILE B 527 -8.72 30.36 27.27
N TRP B 528 -7.99 29.51 27.99
CA TRP B 528 -6.53 29.49 27.84
C TRP B 528 -6.14 29.11 26.42
N ASP B 529 -6.80 28.10 25.84
CA ASP B 529 -6.46 27.70 24.48
C ASP B 529 -6.79 28.79 23.47
N LEU B 530 -7.95 29.43 23.61
CA LEU B 530 -8.38 30.39 22.60
C LEU B 530 -7.60 31.69 22.69
N LYS B 531 -7.35 32.18 23.90
CA LYS B 531 -6.78 33.51 24.07
C LYS B 531 -5.26 33.50 24.15
N MET B 532 -4.68 32.52 24.85
CA MET B 532 -3.24 32.49 25.11
C MET B 532 -2.49 31.60 24.14
N ASP B 533 -2.86 30.32 24.05
CA ASP B 533 -2.13 29.40 23.18
C ASP B 533 -2.24 29.83 21.72
N TRP B 534 -3.44 30.22 21.28
CA TRP B 534 -3.65 30.62 19.90
C TRP B 534 -3.52 32.13 19.70
N GLY B 535 -3.51 32.91 20.78
CA GLY B 535 -3.38 34.35 20.65
C GLY B 535 -4.50 35.00 19.86
N LEU B 536 -5.71 34.45 19.93
CA LEU B 536 -6.84 34.95 19.16
C LEU B 536 -7.60 35.99 19.98
N PHE B 537 -8.59 36.62 19.34
CA PHE B 537 -9.47 37.60 19.98
C PHE B 537 -8.70 38.82 20.47
N ASP B 538 -7.50 39.06 19.95
CA ASP B 538 -6.73 40.22 20.37
C ASP B 538 -7.35 41.51 19.84
N LYS B 539 -7.13 42.60 20.58
CA LYS B 539 -7.71 43.88 20.19
C LYS B 539 -7.04 44.45 18.95
N ASN B 540 -5.73 44.21 18.79
CA ASN B 540 -5.01 44.80 17.66
C ASN B 540 -5.59 44.35 16.32
N ALA B 541 -6.11 43.13 16.25
CA ALA B 541 -6.65 42.63 15.00
C ALA B 541 -7.88 43.43 14.58
N GLY B 542 -7.75 44.15 13.46
CA GLY B 542 -8.86 44.93 12.94
C GLY B 542 -9.49 44.32 11.71
N GLU B 543 -8.65 43.76 10.82
CA GLU B 543 -9.18 43.15 9.60
C GLU B 543 -9.84 41.81 9.90
N ASN B 544 -9.23 41.01 10.77
CA ASN B 544 -9.74 39.70 11.12
C ASN B 544 -10.55 39.80 12.42
N THR B 545 -11.80 39.38 12.36
CA THR B 545 -12.69 39.44 13.51
C THR B 545 -12.55 38.17 14.34
N PHE B 546 -12.39 38.33 15.65
CA PHE B 546 -12.19 37.23 16.60
C PHE B 546 -10.89 36.48 16.37
N LEU B 547 -9.99 37.00 15.54
CA LEU B 547 -8.74 36.34 15.20
C LEU B 547 -7.58 37.28 15.50
N ARG B 548 -6.37 36.73 15.34
CA ARG B 548 -5.15 37.49 15.54
C ARG B 548 -4.88 38.38 14.33
N GLU B 549 -4.14 39.46 14.56
CA GLU B 549 -3.93 40.45 13.50
C GLU B 549 -3.21 39.83 12.31
N GLU B 550 -2.18 39.02 12.55
CA GLU B 550 -1.48 38.28 11.50
C GLU B 550 -1.89 36.82 11.60
N ILE B 551 -2.35 36.26 10.48
CA ILE B 551 -2.68 34.84 10.38
C ILE B 551 -1.89 34.26 9.21
N VAL B 552 -1.06 33.26 9.49
CA VAL B 552 -0.26 32.65 8.45
C VAL B 552 -1.10 31.72 7.58
N TYR B 553 -2.02 30.98 8.21
CA TYR B 553 -2.84 30.05 7.45
C TYR B 553 -3.74 30.80 6.48
N PRO B 554 -3.94 30.27 5.26
CA PRO B 554 -4.65 31.05 4.24
C PRO B 554 -6.08 31.42 4.60
N GLN B 555 -6.80 30.57 5.32
CA GLN B 555 -8.24 30.71 5.49
C GLN B 555 -8.58 31.06 6.94
N LYS B 556 -9.46 32.06 7.11
CA LYS B 556 -10.00 32.38 8.43
C LYS B 556 -11.06 31.37 8.85
N ALA B 557 -11.75 30.76 7.88
CA ALA B 557 -12.70 29.70 8.21
C ALA B 557 -12.03 28.58 8.98
N TYR B 558 -10.75 28.32 8.69
CA TYR B 558 -10.00 27.36 9.49
C TYR B 558 -10.02 27.77 10.95
N TYR B 559 -9.74 29.05 11.24
CA TYR B 559 -9.70 29.51 12.62
C TYR B 559 -11.07 29.44 13.28
N TYR B 560 -12.12 29.81 12.55
CA TYR B 560 -13.46 29.79 13.14
C TYR B 560 -13.91 28.36 13.45
N CYS B 561 -13.74 27.46 12.48
CA CYS B 561 -14.07 26.05 12.72
C CYS B 561 -13.20 25.48 13.83
N ALA B 562 -11.94 25.94 13.94
CA ALA B 562 -11.09 25.49 15.03
C ALA B 562 -11.62 25.95 16.37
N ILE B 563 -12.12 27.18 16.46
CA ILE B 563 -12.70 27.65 17.72
C ILE B 563 -13.91 26.81 18.09
N ILE B 564 -14.78 26.55 17.11
CA ILE B 564 -15.99 25.78 17.40
C ILE B 564 -15.64 24.36 17.85
N GLU B 565 -14.73 23.71 17.09
CA GLU B 565 -14.30 22.31 17.40
C GLU B 565 -13.48 22.31 18.69
N ASP B 566 -12.91 23.45 19.10
CA ASP B 566 -12.20 23.53 20.37
C ASP B 566 -13.18 23.57 21.54
N VAL B 567 -14.21 24.41 21.45
CA VAL B 567 -15.18 24.45 22.56
C VAL B 567 -15.88 23.10 22.68
N ILE B 568 -16.33 22.55 21.56
CA ILE B 568 -17.10 21.31 21.60
C ILE B 568 -16.26 20.18 22.19
N LEU B 569 -15.03 20.03 21.70
CA LEU B 569 -14.18 18.93 22.15
C LEU B 569 -13.56 19.19 23.51
N ARG B 570 -13.47 20.45 23.95
CA ARG B 570 -13.10 20.71 25.34
C ARG B 570 -14.17 20.18 26.28
N PHE B 571 -15.43 20.48 25.98
CA PHE B 571 -16.51 19.93 26.78
C PHE B 571 -16.52 18.40 26.71
N ALA B 572 -16.31 17.86 25.50
CA ALA B 572 -16.30 16.41 25.33
C ALA B 572 -15.17 15.76 26.12
N TRP B 573 -13.98 16.36 26.11
CA TRP B 573 -12.84 15.80 26.82
C TRP B 573 -13.05 15.89 28.33
N THR B 574 -13.62 16.99 28.81
CA THR B 574 -13.94 17.07 30.23
C THR B 574 -14.91 15.96 30.61
N ILE B 575 -15.93 15.73 29.77
CA ILE B 575 -16.88 14.67 30.04
C ILE B 575 -16.19 13.31 30.02
N GLN B 576 -15.27 13.11 29.08
CA GLN B 576 -14.57 11.82 28.97
C GLN B 576 -13.70 11.56 30.19
N ILE B 577 -12.99 12.58 30.66
CA ILE B 577 -12.19 12.42 31.87
C ILE B 577 -13.08 12.10 33.05
N SER B 578 -14.22 12.79 33.16
CA SER B 578 -15.20 12.44 34.20
C SER B 578 -15.61 10.98 34.08
N ILE B 579 -15.89 10.53 32.86
CA ILE B 579 -16.41 9.18 32.65
C ILE B 579 -15.38 8.15 33.09
N THR B 580 -14.14 8.34 32.65
CA THR B 580 -13.11 7.31 32.85
C THR B 580 -12.59 7.31 34.28
N SER B 581 -12.49 8.50 34.90
CA SER B 581 -11.93 8.57 36.25
C SER B 581 -12.75 7.78 37.25
N THR B 582 -14.08 7.85 37.13
CA THR B 582 -15.00 7.28 38.11
C THR B 582 -16.01 6.39 37.40
N THR B 583 -16.86 5.73 38.19
CA THR B 583 -17.95 4.95 37.62
C THR B 583 -18.90 5.83 36.84
N LEU B 584 -19.42 6.88 37.48
CA LEU B 584 -20.34 7.82 36.84
C LEU B 584 -21.39 7.03 36.06
N LEU B 585 -21.53 7.26 34.77
CA LEU B 585 -22.39 6.39 33.98
C LEU B 585 -21.78 4.99 33.94
N PRO B 586 -22.44 3.95 34.46
CA PRO B 586 -21.77 2.65 34.54
C PRO B 586 -21.64 1.93 33.21
N HIS B 587 -22.70 1.92 32.40
CA HIS B 587 -22.70 1.14 31.17
C HIS B 587 -22.17 1.92 29.98
N SER B 588 -22.56 3.18 29.83
CA SER B 588 -22.16 3.99 28.70
C SER B 588 -20.79 4.64 28.87
N GLY B 589 -20.15 4.47 30.03
CA GLY B 589 -18.87 5.12 30.25
C GLY B 589 -17.79 4.65 29.28
N ASP B 590 -17.68 3.33 29.11
CA ASP B 590 -16.63 2.79 28.25
C ASP B 590 -16.82 3.25 26.80
N ILE B 591 -18.06 3.15 26.31
CA ILE B 591 -18.34 3.56 24.93
C ILE B 591 -18.11 5.05 24.77
N ILE B 592 -18.54 5.85 25.76
CA ILE B 592 -18.37 7.29 25.67
C ILE B 592 -16.88 7.64 25.61
N ALA B 593 -16.08 7.03 26.48
CA ALA B 593 -14.64 7.30 26.47
C ALA B 593 -14.00 6.86 25.17
N THR B 594 -14.40 5.70 24.65
CA THR B 594 -13.83 5.21 23.41
C THR B 594 -14.13 6.16 22.25
N VAL B 595 -15.37 6.66 22.19
CA VAL B 595 -15.73 7.58 21.12
C VAL B 595 -15.02 8.92 21.31
N PHE B 596 -14.86 9.37 22.56
CA PHE B 596 -14.35 10.71 22.81
C PHE B 596 -12.84 10.81 22.65
N ALA B 597 -12.09 9.75 22.98
CA ALA B 597 -10.64 9.86 22.95
C ALA B 597 -10.10 10.25 21.57
N PRO B 598 -10.52 9.63 20.46
CA PRO B 598 -10.05 10.12 19.16
C PRO B 598 -10.42 11.58 18.90
N LEU B 599 -11.59 12.01 19.39
CA LEU B 599 -11.97 13.41 19.24
C LEU B 599 -11.02 14.33 19.99
N GLU B 600 -10.62 13.94 21.20
CA GLU B 600 -9.61 14.72 21.91
C GLU B 600 -8.27 14.71 21.17
N VAL B 601 -7.91 13.58 20.56
CA VAL B 601 -6.65 13.56 19.81
C VAL B 601 -6.71 14.55 18.65
N PHE B 602 -7.85 14.58 17.95
CA PHE B 602 -8.02 15.53 16.86
C PHE B 602 -7.99 16.97 17.36
N ARG B 603 -8.63 17.22 18.50
CA ARG B 603 -8.61 18.56 19.09
C ARG B 603 -7.20 18.98 19.43
N ARG B 604 -6.41 18.07 20.00
CA ARG B 604 -5.02 18.37 20.32
C ARG B 604 -4.21 18.59 19.06
N PHE B 605 -4.54 17.90 17.97
CA PHE B 605 -3.85 18.13 16.70
C PHE B 605 -4.10 19.55 16.20
N VAL B 606 -5.36 19.99 16.21
CA VAL B 606 -5.68 21.35 15.80
C VAL B 606 -5.01 22.35 16.74
N TRP B 607 -5.01 22.05 18.04
CA TRP B 607 -4.37 22.92 19.01
C TRP B 607 -2.88 23.03 18.74
N ASN B 608 -2.23 21.92 18.40
CA ASN B 608 -0.82 21.96 18.05
C ASN B 608 -0.60 22.88 16.85
N PHE B 609 -1.42 22.70 15.81
CA PHE B 609 -1.36 23.60 14.65
C PHE B 609 -1.33 25.05 15.09
N PHE B 610 -2.40 25.47 15.78
CA PHE B 610 -2.56 26.90 16.04
C PHE B 610 -1.60 27.41 17.10
N ARG B 611 -1.22 26.57 18.07
CA ARG B 611 -0.24 26.96 19.07
C ARG B 611 1.12 27.19 18.43
N LEU B 612 1.55 26.30 17.54
CA LEU B 612 2.81 26.52 16.84
C LEU B 612 2.73 27.77 15.98
N GLU B 613 1.59 27.99 15.32
CA GLU B 613 1.40 29.21 14.55
C GLU B 613 1.62 30.44 15.41
N ASN B 614 0.92 30.52 16.54
CA ASN B 614 1.02 31.69 17.40
C ASN B 614 2.43 31.85 17.96
N GLU B 615 3.06 30.72 18.35
CA GLU B 615 4.42 30.79 18.89
C GLU B 615 5.38 31.34 17.85
N HIS B 616 5.26 30.92 16.60
CA HIS B 616 6.11 31.48 15.55
C HIS B 616 5.85 32.96 15.37
N LEU B 617 4.57 33.35 15.25
CA LEU B 617 4.25 34.76 15.03
C LEU B 617 4.64 35.60 16.24
N ASN B 618 4.31 35.14 17.45
CA ASN B 618 4.63 35.86 18.67
C ASN B 618 5.18 34.90 19.70
N ASN B 619 6.02 35.42 20.60
CA ASN B 619 6.64 34.61 21.65
C ASN B 619 5.70 34.48 22.84
N CYS B 620 4.55 33.87 22.59
CA CYS B 620 3.55 33.69 23.64
C CYS B 620 4.09 32.80 24.76
N GLY B 621 4.81 31.73 24.40
CA GLY B 621 5.36 30.84 25.39
C GLY B 621 6.54 31.41 26.15
N GLU B 622 7.17 32.46 25.60
CA GLU B 622 8.32 33.11 26.24
C GLU B 622 9.48 32.14 26.46
N PHE B 623 9.62 31.16 25.55
CA PHE B 623 10.71 30.20 25.63
C PHE B 623 11.94 30.64 24.85
N ARG B 624 11.89 31.78 24.16
CA ARG B 624 12.99 32.27 23.36
C ARG B 624 13.34 33.68 23.79
N ALA B 625 14.62 34.02 23.74
CA ALA B 625 15.10 35.33 24.13
C ALA B 625 14.42 36.42 23.30
P PO4 C . 12.03 -8.68 -37.83
O1 PO4 C . 12.85 -9.36 -36.67
O2 PO4 C . 10.50 -8.88 -37.55
O3 PO4 C . 12.37 -7.16 -37.87
O4 PO4 C . 12.40 -9.34 -39.20
P PO4 D . 7.29 -16.62 -27.73
O1 PO4 D . 8.32 -17.13 -26.67
O2 PO4 D . 5.88 -17.19 -27.40
O3 PO4 D . 7.26 -15.04 -27.68
O4 PO4 D . 7.73 -17.08 -29.17
P PO4 E . -6.60 -27.59 -22.12
O1 PO4 E . -6.38 -28.89 -21.28
O2 PO4 E . -8.13 -27.37 -22.34
O3 PO4 E . -6.00 -26.36 -21.34
O4 PO4 E . -5.89 -27.72 -23.50
C1 CLR F . 18.81 -6.56 -12.36
C2 CLR F . 18.96 -5.05 -12.39
C3 CLR F . 19.79 -4.58 -13.56
C4 CLR F . 19.19 -5.12 -14.86
C5 CLR F . 18.96 -6.62 -14.86
C6 CLR F . 19.39 -7.31 -15.89
C7 CLR F . 19.23 -8.83 -16.02
C8 CLR F . 18.20 -9.37 -15.02
C9 CLR F . 18.42 -8.72 -13.62
C10 CLR F . 18.23 -7.18 -13.63
C11 CLR F . 17.62 -9.44 -12.52
C12 CLR F . 17.82 -10.97 -12.52
C13 CLR F . 17.40 -11.54 -13.90
C14 CLR F . 18.40 -10.85 -14.91
C15 CLR F . 18.27 -11.69 -16.21
C16 CLR F . 17.94 -13.14 -15.69
C17 CLR F . 17.83 -13.05 -14.11
C18 CLR F . 15.96 -11.31 -14.27
C19 CLR F . 16.72 -6.84 -13.75
C20 CLR F . 16.86 -14.13 -13.62
C21 CLR F . 16.40 -13.98 -12.15
C22 CLR F . 17.71 -15.46 -13.68
C23 CLR F . 16.90 -16.71 -13.34
C24 CLR F . 17.85 -17.89 -13.70
C25 CLR F . 17.25 -19.20 -13.15
C26 CLR F . 18.30 -20.30 -13.37
C27 CLR F . 15.87 -19.54 -13.74
O1 CLR F . 19.94 -3.18 -13.62
H11 CLR F . 19.77 -7.05 -12.12
H12 CLR F . 18.20 -6.85 -11.48
H21 CLR F . 17.96 -4.54 -12.37
H22 CLR F . 19.36 -4.67 -11.41
H3 CLR F . 20.86 -4.98 -13.44
H41 CLR F . 19.82 -4.82 -15.74
H42 CLR F . 18.23 -4.59 -15.08
H6 CLR F . 19.90 -6.81 -16.69
H71 CLR F . 20.20 -9.33 -15.92
H72 CLR F . 18.98 -9.13 -17.06
H8 CLR F . 17.16 -9.12 -15.36
H9 CLR F . 19.50 -8.89 -13.36
H111 CLR F . 16.54 -9.18 -12.56
H112 CLR F . 17.89 -9.03 -11.52
H121 CLR F . 17.24 -11.43 -11.68
H122 CLR F . 18.84 -11.24 -12.23
H14 CLR F . 19.43 -10.97 -14.53
H151 CLR F . 19.16 -11.64 -16.83
H152 CLR F . 17.52 -11.30 -16.90
H161 CLR F . 18.71 -13.86 -16.01
H162 CLR F . 17.08 -13.56 -16.17
H17 CLR F . 18.77 -13.21 -13.59
H181 CLR F . 15.67 -11.77 -15.23
H182 CLR F . 15.64 -10.28 -14.32
H183 CLR F . 15.24 -11.82 -13.59
H191 CLR F . 16.17 -6.96 -12.81
H192 CLR F . 16.21 -7.39 -14.52
H193 CLR F . 16.57 -5.76 -13.94
H20 CLR F . 15.96 -14.15 -14.23
H211 CLR F . 17.27 -13.90 -11.47
H212 CLR F . 15.77 -14.77 -11.79
H213 CLR F . 15.87 -13.04 -11.96
H221 CLR F . 18.60 -15.38 -13.04
H222 CLR F . 18.16 -15.56 -14.67
H231 CLR F . 15.93 -16.74 -13.85
H232 CLR F . 16.57 -16.72 -12.29
H241 CLR F . 18.86 -17.72 -13.32
H242 CLR F . 18.03 -17.96 -14.78
H25 CLR F . 17.04 -19.10 -12.07
H261 CLR F . 18.54 -20.48 -14.42
H262 CLR F . 17.97 -21.24 -12.91
H263 CLR F . 19.30 -20.05 -12.96
H271 CLR F . 15.07 -18.84 -13.43
H272 CLR F . 15.52 -20.54 -13.53
H273 CLR F . 15.86 -19.43 -14.84
H1 CLR F . 19.32 -2.77 -14.14
C1 CPL G . 6.82 5.21 -23.56
C2 CPL G . 6.68 3.69 -23.23
C3 CPL G . 5.62 3.10 -24.21
C4 CPL G . 4.76 7.13 -25.97
C5 CPL G . 3.78 8.28 -26.15
C6 CPL G . 4.82 8.43 -28.47
C7 CPL G . 5.46 9.97 -26.63
C8 CPL G . 3.24 10.18 -27.69
C11 CPL G . 3.28 2.68 -23.95
C12 CPL G . 2.42 2.49 -22.75
C13 CPL G . 2.83 1.25 -21.93
C14 CPL G . 1.64 0.44 -21.40
C15 CPL G . 0.81 1.19 -20.33
C16 CPL G . -0.56 0.53 -20.08
C17 CPL G . -1.66 0.92 -21.08
C18 CPL G . -3.00 0.18 -20.85
C19 CPL G . -3.04 -1.28 -21.32
C20 CPL G . -4.32 -2.10 -20.99
C21 CPL G . -4.51 -3.42 -21.73
C22 CPL G . -5.97 -3.92 -21.69
C23 CPL G . -6.29 -5.05 -22.67
C24 CPL G . -7.58 -5.81 -22.32
C25 CPL G . -7.70 -7.12 -23.10
C26 CPL G . -7.82 -6.87 -24.59
C31 CPL G . 8.13 1.78 -22.81
C32 CPL G . 8.71 0.70 -23.72
C33 CPL G . 7.67 0.18 -24.73
C34 CPL G . 6.56 -0.65 -24.05
C35 CPL G . 5.31 -0.80 -24.89
C36 CPL G . 4.32 -1.82 -24.31
C37 CPL G . 2.94 -1.83 -24.99
C38 CPL G . 2.09 -3.03 -24.61
C39 CPL G . 1.36 -2.81 -23.33
C40 CPL G . 0.14 -3.26 -23.02
C41 CPL G . -0.73 -4.09 -23.91
C42 CPL G . -0.23 -5.49 -23.99
C43 CPL G . -0.79 -6.46 -24.71
C44 CPL G . -2.01 -6.30 -25.56
C45 CPL G . -3.31 -6.35 -24.76
C46 CPL G . -3.79 -7.78 -24.54
C47 CPL G . -4.33 -8.41 -25.82
C48 CPL G . -5.27 -9.56 -25.52
N CPL G . 4.31 9.20 -27.25
O2 CPL G . 7.92 3.00 -23.39
O3 CPL G . 4.33 3.53 -23.78
O11 CPL G . 3.10 2.13 -25.02
O31 CPL G . 7.87 1.54 -21.64
O1P CPL G . 4.16 7.73 -22.48
O2P CPL G . 6.47 8.13 -23.90
O3P CPL G . 5.85 5.88 -22.86
O4P CPL G . 4.51 6.60 -24.74
P CPL G . 5.27 7.42 -23.43
HC11 CPL G . 6.76 5.44 -24.64
HC12 CPL G . 7.80 5.63 -23.23
HC2 CPL G . 6.25 3.55 -22.20
HC31 CPL G . 5.59 2.00 -24.09
HC32 CPL G . 5.84 3.20 -25.29
HC41 CPL G . 5.82 7.48 -26.06
HC42 CPL G . 4.62 6.34 -26.76
HC51 CPL G . 3.66 8.85 -25.19
HC52 CPL G . 2.77 7.88 -26.42
HC61 CPL G . 5.80 7.97 -28.25
HC62 CPL G . 4.92 9.09 -29.34
HC63 CPL G . 4.11 7.62 -28.77
HC71 CPL G . 6.39 9.43 -26.78
HC72 CPL G . 5.26 10.08 -25.55
HC73 CPL G . 5.50 10.99 -27.06
HC81 CPL G . 3.63 10.83 -28.50
HC82 CPL G . 2.90 10.83 -26.86
HC83 CPL G . 2.36 9.64 -28.07
H121 CPL G . 1.34 2.53 -22.98
H122 CPL G . 2.58 3.41 -22.12
H131 CPL G . 3.49 1.57 -21.10
H132 CPL G . 3.51 0.60 -22.53
H141 CPL G . 2.01 -0.52 -20.99
H142 CPL G . 0.99 0.13 -22.22
H151 CPL G . 0.66 2.25 -20.64
H152 CPL G . 1.36 1.30 -19.38
H161 CPL G . -0.91 0.72 -19.04
H162 CPL G . -0.45 -0.58 -20.07
H171 CPL G . -1.28 0.73 -22.11
H172 CPL G . -1.80 2.02 -21.06
H181 CPL G . -3.80 0.75 -21.36
H182 CPL G . -3.26 0.23 -19.78
H191 CPL G . -2.18 -1.84 -20.91
H192 CPL G . -2.88 -1.34 -22.42
H201 CPL G . -5.23 -1.47 -21.12
H202 CPL G . -4.35 -2.28 -19.88
H211 CPL G . -3.84 -4.21 -21.32
H212 CPL G . -4.17 -3.32 -22.78
H221 CPL G . -6.67 -3.09 -21.88
H222 CPL G . -6.23 -4.25 -20.66
H231 CPL G . -5.44 -5.75 -22.76
H232 CPL G . -6.36 -4.62 -23.70
H241 CPL G . -8.48 -5.18 -22.50
H242 CPL G . -7.62 -5.99 -21.23
H251 CPL G . -8.57 -7.72 -22.75
H252 CPL G . -6.84 -7.81 -22.90
H261 CPL G . -8.03 -7.79 -25.15
H262 CPL G . -6.92 -6.41 -25.02
H263 CPL G . -8.65 -6.17 -24.82
H321 CPL G . 9.05 -0.15 -23.08
H322 CPL G . 9.64 1.02 -24.21
H331 CPL G . 8.16 -0.36 -25.57
H332 CPL G . 7.20 1.04 -25.27
H341 CPL G . 6.33 -0.20 -23.06
H342 CPL G . 6.96 -1.66 -23.78
H351 CPL G . 5.57 -1.06 -25.94
H352 CPL G . 4.79 0.18 -25.02
H361 CPL G . 4.19 -1.63 -23.22
H362 CPL G . 4.74 -2.84 -24.34
H371 CPL G . 3.08 -1.78 -26.09
H372 CPL G . 2.41 -0.88 -24.76
H381 CPL G . 2.71 -3.95 -24.56
H382 CPL G . 1.38 -3.29 -25.43
H39 CPL G . 1.88 -2.21 -22.56
H40 CPL G . -0.25 -3.00 -22.03
H411 CPL G . -0.81 -3.62 -24.91
H412 CPL G . -1.78 -4.07 -23.56
H42 CPL G . 0.66 -5.73 -23.40
H43 CPL G . -0.34 -7.45 -24.69
H441 CPL G . -2.01 -7.04 -26.38
H442 CPL G . -1.94 -5.34 -26.12
H451 CPL G . -4.10 -5.77 -25.28
H452 CPL G . -3.22 -5.82 -23.78
H461 CPL G . -4.57 -7.82 -23.75
H462 CPL G . -2.96 -8.39 -24.11
H471 CPL G . -3.50 -8.76 -26.49
H472 CPL G . -4.84 -7.65 -26.45
H481 CPL G . -6.15 -9.22 -24.95
H482 CPL G . -4.80 -10.35 -24.94
H483 CPL G . -5.67 -10.03 -26.43
P PO4 H . 4.39 26.81 30.50
O1 PO4 H . 5.54 25.78 30.78
O2 PO4 H . 3.08 26.03 30.12
O3 PO4 H . 4.15 27.69 31.77
O4 PO4 H . 4.78 27.74 29.30
P PO4 I . -5.48 19.64 28.59
O1 PO4 I . -5.90 19.14 29.95
O2 PO4 I . -6.17 18.83 27.50
O3 PO4 I . -5.82 21.12 28.51
O4 PO4 I . -3.99 19.49 28.44
P PO4 J . -10.03 3.13 34.14
O1 PO4 J . -8.52 2.93 34.45
O2 PO4 J . -10.62 4.24 35.09
O3 PO4 J . -10.21 3.57 32.65
O4 PO4 J . -10.81 1.79 34.39
C1 CLR K . -5.00 22.77 5.82
C2 CLR K . -3.65 22.93 5.16
C3 CLR K . -2.89 24.11 5.71
C4 CLR K . -2.76 23.96 7.24
C5 CLR K . -4.07 23.71 7.94
C6 CLR K . -4.36 24.45 9.00
C7 CLR K . -5.67 24.31 9.80
C8 CLR K . -6.38 23.00 9.48
C9 CLR K . -6.39 22.75 7.94
C10 CLR K . -4.97 22.60 7.34
C11 CLR K . -7.34 21.62 7.54
C12 CLR K . -8.76 21.76 8.14
C13 CLR K . -8.68 21.84 9.67
C14 CLR K . -7.80 23.13 9.95
C15 CLR K . -8.03 23.41 11.47
C16 CLR K . -9.50 22.92 11.72
C17 CLR K . -10.01 22.30 10.35
C18 CLR K . -8.11 20.61 10.32
C19 CLR K . -4.37 21.23 7.72
C20 CLR K . -11.03 21.21 10.65
C21 CLR K . -11.48 20.40 9.43
C22 CLR K . -12.30 21.99 11.17
C23 CLR K . -12.67 21.64 12.62
C24 CLR K . -13.31 20.22 12.53
C25 CLR K . -14.81 20.35 12.17
C26 CLR K . -15.58 20.58 13.48
C27 CLR K . -15.34 19.17 11.34
O1 CLR K . -1.61 24.28 5.13
H11 CLR K . -5.70 23.59 5.55
H12 CLR K . -5.53 21.90 5.36
H21 CLR K . -3.05 21.98 5.21
H22 CLR K . -3.76 23.01 4.03
H3 CLR K . -3.44 25.07 5.48
H41 CLR K . -2.23 24.83 7.69
H42 CLR K . -2.05 23.12 7.47
H6 CLR K . -3.66 25.19 9.33
H71 CLR K . -6.32 25.19 9.64
H72 CLR K . -5.48 24.41 10.89
H8 CLR K . -5.86 22.14 9.97
H9 CLR K . -6.83 23.68 7.46
H111 CLR K . -6.93 20.61 7.79
H112 CLR K . -7.42 21.53 6.43
H121 CLR K . -9.40 20.93 7.79
H122 CLR K . -9.29 22.62 7.69
H14 CLR K . -8.22 23.97 9.38
H151 CLR K . -7.86 24.47 11.71
H152 CLR K . -7.30 22.94 12.12
H161 CLR K . -10.14 23.75 12.07
H162 CLR K . -9.57 22.26 12.56
H17 CLR K . -10.50 23.01 9.70
H181 CLR K . -8.12 20.64 11.43
H182 CLR K . -7.11 20.32 10.03
H183 CLR K . -8.74 19.70 10.15
H191 CLR K . -3.27 21.21 7.72
H192 CLR K . -4.72 20.42 7.08
H193 CLR K . -4.59 20.96 8.76
H20 CLR K . -10.64 20.50 11.37
H211 CLR K . -12.38 19.79 9.66
H212 CLR K . -11.70 20.99 8.55
H213 CLR K . -10.74 19.63 9.13
H221 CLR K . -13.15 21.83 10.49
H222 CLR K . -12.14 23.07 11.07
H231 CLR K . -13.32 22.39 13.08
H232 CLR K . -11.80 21.68 13.28
H241 CLR K . -13.18 19.66 13.46
H242 CLR K . -12.80 19.57 11.82
H25 CLR K . -14.97 21.23 11.51
H261 CLR K . -15.34 21.53 13.97
H262 CLR K . -15.37 19.76 14.19
H263 CLR K . -16.67 20.68 13.35
H271 CLR K . -16.42 19.25 11.11
H272 CLR K . -15.17 18.20 11.77
H273 CLR K . -14.90 19.16 10.33
H1 CLR K . -1.23 23.51 4.85
C1 CPL L . 12.33 15.88 14.23
C2 CPL L . 11.05 15.57 15.07
C3 CPL L . 11.48 14.76 16.32
C4 CPL L . 15.92 15.78 16.28
C5 CPL L . 17.13 14.89 16.45
C6 CPL L . 18.09 17.07 17.35
C7 CPL L . 18.79 16.09 15.17
C8 CPL L . 19.50 15.02 17.27
C11 CPL L . 10.69 12.66 17.17
C12 CPL L . 10.18 11.28 16.80
C13 CPL L . 8.71 11.33 16.34
C14 CPL L . 7.85 10.20 16.93
C15 CPL L . 8.22 8.79 16.42
C16 CPL L . 7.53 7.67 17.21
C17 CPL L . 8.49 6.61 17.81
C18 CPL L . 7.78 5.30 18.18
C19 CPL L . 6.75 5.38 19.32
C20 CPL L . 6.12 4.05 19.81
C21 CPL L . 5.17 4.12 21.01
C22 CPL L . 5.88 4.63 22.28
C23 CPL L . 5.13 4.37 23.58
C24 CPL L . 5.04 2.88 23.96
C25 CPL L . 3.62 2.33 23.84
C26 CPL L . 2.86 2.51 25.14
C31 CPL L . 9.08 17.00 15.16
C32 CPL L . 8.33 17.96 16.07
C33 CPL L . 8.52 17.61 17.56
C34 CPL L . 7.46 16.61 18.05
C35 CPL L . 7.81 15.15 17.77
C36 CPL L . 6.76 14.18 18.33
C37 CPL L . 7.10 13.59 19.70
C38 CPL L . 6.40 12.26 19.98
C39 CPL L . 5.07 12.46 20.60
C40 CPL L . 4.38 11.57 21.31
C41 CPL L . 4.83 10.17 21.61
C42 CPL L . 5.20 10.04 23.04
C43 CPL L . 4.49 9.40 23.97
C44 CPL L . 3.17 8.74 23.73
C45 CPL L . 2.39 8.46 25.02
C46 CPL L . 2.83 7.16 25.68
C47 CPL L . 1.69 6.54 26.50
C48 CPL L . 1.05 7.55 27.43
N CPL L . 18.36 15.78 16.59
O2 CPL L . 10.38 16.77 15.46
O3 CPL L . 11.13 13.40 16.10
O11 CPL L . 10.73 13.10 18.29
O31 CPL L . 8.52 16.49 14.20
O1P CPL L . 15.06 16.21 13.48
O2P CPL L . 15.26 13.49 13.77
O3P CPL L . 13.11 14.75 14.21
O4P CPL L . 14.92 14.98 15.80
P CPL L . 14.84 14.88 14.09
HC11 CPL L . 12.90 16.75 14.62
HC12 CPL L . 12.11 16.14 13.17
HC2 CPL L . 10.36 14.89 14.49
HC31 CPL L . 10.85 15.07 17.19
HC32 CPL L . 12.50 14.96 16.71
HC41 CPL L . 16.14 16.63 15.59
HC42 CPL L . 15.59 16.24 17.25
HC51 CPL L . 17.24 14.19 15.59
HC52 CPL L . 17.01 14.25 17.37
HC61 CPL L . 17.59 17.80 16.69
HC62 CPL L . 19.03 17.51 17.72
HC63 CPL L . 17.46 16.91 18.24
HC71 CPL L . 18.04 16.72 14.69
HC72 CPL L . 18.89 15.15 14.61
HC73 CPL L . 19.78 16.57 15.17
HC81 CPL L . 20.34 15.71 17.48
HC82 CPL L . 19.88 14.18 16.66
HC83 CPL L . 19.16 14.61 18.23
H121 CPL L . 10.37 10.55 17.59
H122 CPL L . 10.82 10.95 15.96
H131 CPL L . 8.69 11.30 15.23
H132 CPL L . 8.25 12.31 16.55
H141 CPL L . 6.78 10.42 16.72
H142 CPL L . 7.90 10.21 18.03
H151 CPL L . 9.33 8.66 16.45
H152 CPL L . 8.02 8.68 15.34
H161 CPL L . 6.75 7.17 16.60
H162 CPL L . 6.92 8.12 18.03
H171 CPL L . 8.99 7.06 18.69
H172 CPL L . 9.32 6.45 17.10
H181 CPL L . 8.56 4.55 18.44
H182 CPL L . 7.31 4.87 17.28
H191 CPL L . 5.92 6.05 19.05
H192 CPL L . 7.20 5.88 20.20
H201 CPL L . 6.91 3.30 20.01
H202 CPL L . 5.60 3.57 18.95
H211 CPL L . 4.71 3.14 21.21
H212 CPL L . 4.31 4.77 20.75
H221 CPL L . 6.07 5.72 22.22
H222 CPL L . 6.89 4.20 22.36
H231 CPL L . 4.11 4.81 23.56
H232 CPL L . 5.61 4.93 24.41
H241 CPL L . 5.45 2.68 24.97
H242 CPL L . 5.74 2.30 23.31
H251 CPL L . 3.62 1.25 23.56
H252 CPL L . 3.05 2.79 23.00
H261 CPL L . 3.30 1.93 25.95
H262 CPL L . 1.80 2.24 25.07
H263 CPL L . 2.87 3.57 25.48
H321 CPL L . 7.24 17.91 15.82
H322 CPL L . 8.57 19.03 15.86
H331 CPL L . 8.59 18.51 18.19
H332 CPL L . 9.54 17.17 17.72
H341 CPL L . 6.48 16.87 17.62
H342 CPL L . 7.29 16.76 19.14
H351 CPL L . 8.83 14.91 18.17
H352 CPL L . 7.93 14.98 16.68
H361 CPL L . 6.59 13.35 17.60
H362 CPL L . 5.77 14.66 18.37
H371 CPL L . 6.84 14.33 20.49
H372 CPL L . 8.20 13.51 19.80
H381 CPL L . 7.05 11.60 20.60
H382 CPL L . 6.31 11.66 19.05
H39 CPL L . 4.61 13.45 20.48
H40 CPL L . 3.41 11.88 21.71
H411 CPL L . 5.65 9.87 20.94
H412 CPL L . 4.04 9.44 21.35
H42 CPL L . 6.16 10.49 23.35
H43 CPL L . 4.87 9.38 25.00
H441 CPL L . 3.31 7.81 23.14
H442 CPL L . 2.56 9.35 23.03
H451 CPL L . 1.30 8.41 24.80
H452 CPL L . 2.46 9.31 25.73
H461 CPL L . 3.71 7.33 26.33
H462 CPL L . 3.21 6.45 24.92
H471 CPL L . 2.06 5.66 27.09
H472 CPL L . 0.94 6.09 25.84
H481 CPL L . 0.41 8.25 26.86
H482 CPL L . 1.78 8.16 27.97
H483 CPL L . 0.42 7.09 28.19
#